data_2GIX
#
_entry.id   2GIX
#
_cell.length_a   140.674
_cell.length_b   98.876
_cell.length_c   98.094
_cell.angle_alpha   90.00
_cell.angle_beta   130.68
_cell.angle_gamma   90.00
#
_symmetry.space_group_name_H-M   'C 1 2 1'
#
loop_
_entity.id
_entity.type
_entity.pdbx_description
1 polymer 'Inward rectifier potassium channel 2'
2 non-polymer 'POTASSIUM ION'
3 non-polymer (4S)-2-METHYL-2,4-PENTANEDIOL
4 water water
#
_entity_poly.entity_id   1
_entity_poly.type   'polypeptide(L)'
_entity_poly.pdbx_seq_one_letter_code
;GSHGRSRFVKKDGHCNVQFINVGEKRNETLVFSHNAVIAMRDGKLCLMWRVGNLQKSHLVEAHVRAQLLKSRITSEGEYI
PLDQIDINVGFDSGIDRIFLVSPITIVHEIDEDSPLYDLSKQDIDNADFEIVVILEGMVEATAMTKQCRSSYLANEILWG
HRYEPVLFEEKHYYKVDYSRFHKTYEVPNTPLCSARDLAEKKYILSNA
;
_entity_poly.pdbx_strand_id   A,B,C,D
#
# COMPACT_ATOMS: atom_id res chain seq x y z
N SER A 2 7.18 23.28 -21.24
CA SER A 2 5.85 22.69 -20.90
C SER A 2 5.14 21.84 -22.03
N HIS A 3 4.34 22.39 -22.95
CA HIS A 3 3.26 21.52 -23.57
C HIS A 3 2.94 21.61 -25.07
N GLY A 4 2.59 20.46 -25.67
CA GLY A 4 2.16 20.34 -27.07
C GLY A 4 0.78 20.99 -27.30
N ARG A 5 0.40 21.12 -28.58
CA ARG A 5 -0.86 21.80 -28.95
C ARG A 5 -2.06 21.01 -28.44
N SER A 6 -1.97 19.70 -28.56
CA SER A 6 -3.07 18.82 -28.27
C SER A 6 -2.98 18.36 -26.82
N ARG A 7 -4.12 18.20 -26.17
CA ARG A 7 -4.09 17.54 -24.86
C ARG A 7 -3.65 16.08 -24.95
N PHE A 8 -3.04 15.58 -23.87
CA PHE A 8 -2.60 14.23 -23.84
C PHE A 8 -3.74 13.29 -23.49
N VAL A 9 -4.60 13.74 -22.57
CA VAL A 9 -5.72 12.93 -22.08
C VAL A 9 -6.99 13.76 -22.34
N LYS A 10 -7.93 13.20 -23.09
CA LYS A 10 -9.22 13.85 -23.31
C LYS A 10 -10.11 13.76 -22.06
N LYS A 11 -11.12 14.64 -21.99
CA LYS A 11 -12.04 14.72 -20.83
C LYS A 11 -12.71 13.42 -20.51
N ASP A 12 -12.94 12.64 -21.56
CA ASP A 12 -13.55 11.32 -21.43
C ASP A 12 -12.54 10.22 -21.10
N GLY A 13 -11.29 10.59 -20.78
CA GLY A 13 -10.26 9.60 -20.40
C GLY A 13 -9.51 8.91 -21.53
N HIS A 14 -9.99 9.07 -22.76
CA HIS A 14 -9.23 8.66 -23.95
C HIS A 14 -7.86 9.34 -24.02
N CYS A 15 -6.81 8.56 -24.16
CA CYS A 15 -5.51 9.13 -24.40
C CYS A 15 -5.28 9.36 -25.89
N ASN A 16 -4.89 10.58 -26.18
CA ASN A 16 -4.72 11.13 -27.52
C ASN A 16 -3.37 10.71 -28.16
N VAL A 17 -3.13 9.41 -28.23
CA VAL A 17 -1.85 8.86 -28.64
C VAL A 17 -2.08 7.82 -29.73
N GLN A 18 -1.22 7.83 -30.74
CA GLN A 18 -1.29 6.76 -31.72
C GLN A 18 0.07 6.07 -31.75
N PHE A 19 0.07 4.75 -31.73
CA PHE A 19 1.30 3.95 -31.73
C PHE A 19 1.65 3.56 -33.14
N ILE A 20 2.90 3.74 -33.54
CA ILE A 20 3.33 3.32 -34.88
C ILE A 20 4.55 2.39 -34.77
N ASN A 21 4.74 1.54 -35.78
CA ASN A 21 5.90 0.66 -35.86
C ASN A 21 6.00 -0.32 -34.71
N VAL A 22 4.85 -0.79 -34.21
CA VAL A 22 4.78 -1.77 -33.13
C VAL A 22 4.97 -3.13 -33.82
N GLY A 23 6.09 -3.79 -33.56
CA GLY A 23 6.46 -4.99 -34.36
C GLY A 23 5.21 -5.57 -35.02
N GLU A 24 4.37 -6.19 -34.19
CA GLU A 24 2.98 -6.57 -34.47
C GLU A 24 2.66 -7.92 -33.80
N LYS A 25 1.43 -8.05 -33.29
CA LYS A 25 0.89 -9.33 -32.79
C LYS A 25 1.86 -10.14 -31.92
N ARG A 26 1.92 -9.78 -30.65
CA ARG A 26 2.89 -10.39 -29.74
C ARG A 26 2.22 -11.17 -28.61
N ASN A 27 2.98 -12.10 -28.02
CA ASN A 27 2.68 -12.60 -26.70
C ASN A 27 3.44 -11.63 -25.81
N GLU A 28 2.83 -11.22 -24.70
CA GLU A 28 3.39 -10.16 -23.83
C GLU A 28 3.34 -8.79 -24.54
N THR A 29 2.44 -7.95 -24.07
CA THR A 29 2.26 -6.62 -24.62
C THR A 29 2.92 -5.57 -23.71
N LEU A 30 3.27 -5.93 -22.47
CA LEU A 30 4.21 -5.09 -21.70
C LEU A 30 5.67 -5.43 -22.15
N VAL A 31 6.53 -4.42 -22.33
CA VAL A 31 7.91 -4.68 -22.85
C VAL A 31 8.94 -3.82 -22.10
N PHE A 32 10.14 -4.36 -21.82
CA PHE A 32 11.26 -3.58 -21.30
C PHE A 32 12.27 -3.33 -22.39
N SER A 33 12.97 -2.21 -22.35
CA SER A 33 14.06 -1.96 -23.32
C SER A 33 15.12 -3.09 -23.22
N HIS A 34 15.79 -3.41 -24.34
CA HIS A 34 16.81 -4.48 -24.37
C HIS A 34 17.96 -4.16 -23.42
N ASN A 35 18.30 -2.88 -23.31
CA ASN A 35 19.37 -2.44 -22.42
C ASN A 35 18.95 -1.47 -21.36
N ALA A 36 19.73 -1.41 -20.29
CA ALA A 36 19.60 -0.35 -19.31
C ALA A 36 20.75 0.62 -19.56
N VAL A 37 20.66 1.79 -18.94
CA VAL A 37 21.70 2.81 -19.17
C VAL A 37 22.11 3.41 -17.87
N ILE A 38 23.33 3.92 -17.83
CA ILE A 38 23.72 4.74 -16.73
C ILE A 38 24.07 6.12 -17.29
N ALA A 39 23.46 7.19 -16.73
CA ALA A 39 23.76 8.53 -17.22
C ALA A 39 23.46 9.58 -16.18
N MET A 40 23.94 10.79 -16.41
CA MET A 40 23.63 11.92 -15.50
C MET A 40 22.20 12.46 -15.78
N ARG A 41 21.47 12.72 -14.72
CA ARG A 41 20.17 13.35 -14.85
C ARG A 41 20.04 14.32 -13.70
N ASP A 42 20.00 15.59 -14.04
CA ASP A 42 20.00 16.70 -13.08
C ASP A 42 20.99 16.56 -11.92
N GLY A 43 22.26 16.37 -12.29
CA GLY A 43 23.37 16.36 -11.35
C GLY A 43 23.60 15.05 -10.63
N LYS A 44 22.86 14.01 -11.00
CA LYS A 44 22.94 12.75 -10.28
C LYS A 44 23.14 11.61 -11.24
N LEU A 45 23.99 10.67 -10.87
CA LEU A 45 24.26 9.52 -11.72
C LEU A 45 23.12 8.54 -11.46
N CYS A 46 22.46 8.10 -12.52
CA CYS A 46 21.27 7.27 -12.41
C CYS A 46 21.38 6.06 -13.30
N LEU A 47 20.86 4.93 -12.78
CA LEU A 47 20.55 3.73 -13.60
C LEU A 47 19.11 3.84 -14.11
N MET A 48 18.89 3.69 -15.42
CA MET A 48 17.56 3.88 -16.00
C MET A 48 17.25 2.73 -16.91
N TRP A 49 15.97 2.43 -17.09
CA TRP A 49 15.54 1.45 -18.05
C TRP A 49 14.17 1.85 -18.50
N ARG A 50 13.74 1.32 -19.63
CA ARG A 50 12.53 1.81 -20.21
C ARG A 50 11.46 0.75 -20.19
N VAL A 51 10.22 1.16 -19.94
CA VAL A 51 9.13 0.21 -19.99
C VAL A 51 7.98 0.74 -20.88
N GLY A 52 7.32 -0.17 -21.59
CA GLY A 52 6.22 0.21 -22.48
C GLY A 52 5.01 -0.70 -22.42
N ASN A 53 3.88 -0.16 -22.88
CA ASN A 53 2.59 -0.80 -22.83
C ASN A 53 2.08 -0.78 -24.25
N LEU A 54 1.94 -1.97 -24.81
CA LEU A 54 1.34 -2.15 -26.13
C LEU A 54 -0.06 -2.77 -26.04
N GLN A 55 -0.56 -2.94 -24.81
CA GLN A 55 -1.90 -3.49 -24.60
C GLN A 55 -2.97 -2.70 -25.39
N LYS A 56 -4.16 -3.31 -25.41
CA LYS A 56 -5.40 -2.70 -25.92
C LYS A 56 -6.08 -1.94 -24.79
N SER A 57 -5.49 -2.02 -23.59
CA SER A 57 -6.11 -1.57 -22.35
C SER A 57 -5.08 -0.81 -21.50
N HIS A 58 -5.56 -0.01 -20.55
CA HIS A 58 -4.73 0.63 -19.56
C HIS A 58 -4.25 -0.37 -18.50
N LEU A 59 -3.08 -0.11 -17.92
CA LEU A 59 -2.60 -0.93 -16.83
C LEU A 59 -2.97 -0.24 -15.53
N VAL A 60 -3.89 -0.83 -14.78
CA VAL A 60 -4.44 -0.20 -13.58
C VAL A 60 -3.57 -0.49 -12.35
N GLU A 61 -3.39 0.49 -11.47
CA GLU A 61 -2.54 0.33 -10.29
C GLU A 61 -1.18 -0.29 -10.68
N ALA A 62 -0.54 0.31 -11.67
CA ALA A 62 0.78 -0.15 -12.15
C ALA A 62 1.89 0.37 -11.26
N HIS A 63 2.90 -0.47 -11.05
CA HIS A 63 3.96 -0.08 -10.20
C HIS A 63 5.18 -0.96 -10.58
N VAL A 64 6.36 -0.40 -10.35
CA VAL A 64 7.64 -1.03 -10.73
C VAL A 64 8.50 -1.42 -9.55
N ARG A 65 9.39 -2.40 -9.75
CA ARG A 65 10.43 -2.70 -8.78
C ARG A 65 11.64 -3.14 -9.56
N ALA A 66 12.77 -3.20 -8.86
CA ALA A 66 14.01 -3.79 -9.41
C ALA A 66 14.78 -4.46 -8.27
N GLN A 67 15.49 -5.55 -8.55
CA GLN A 67 16.29 -6.17 -7.52
C GLN A 67 17.60 -6.53 -8.10
N LEU A 68 18.66 -6.34 -7.33
CA LEU A 68 19.98 -6.94 -7.66
C LEU A 68 20.06 -8.36 -7.09
N LEU A 69 20.40 -9.30 -7.97
CA LEU A 69 20.48 -10.70 -7.65
C LEU A 69 21.94 -11.11 -7.50
N LYS A 70 22.31 -11.61 -6.31
CA LYS A 70 23.66 -12.20 -6.13
C LYS A 70 23.63 -13.24 -5.02
N SER A 71 24.67 -14.07 -4.97
CA SER A 71 24.82 -14.94 -3.82
C SER A 71 25.63 -14.14 -2.81
N ARG A 72 25.57 -14.52 -1.53
CA ARG A 72 26.49 -13.97 -0.55
C ARG A 72 26.75 -14.91 0.61
N ILE A 73 27.79 -14.59 1.37
CA ILE A 73 28.17 -15.30 2.59
C ILE A 73 28.02 -14.37 3.77
N THR A 74 27.27 -14.78 4.80
CA THR A 74 27.20 -13.98 6.00
C THR A 74 28.50 -14.03 6.81
N SER A 75 28.66 -13.10 7.74
CA SER A 75 29.76 -13.17 8.68
C SER A 75 29.76 -14.45 9.49
N GLU A 76 28.60 -15.10 9.66
CA GLU A 76 28.60 -16.39 10.39
C GLU A 76 29.01 -17.52 9.47
N GLY A 77 29.37 -17.24 8.23
CA GLY A 77 29.67 -18.33 7.30
C GLY A 77 28.49 -18.94 6.58
N GLU A 78 27.33 -18.31 6.62
CA GLU A 78 26.19 -18.93 5.94
C GLU A 78 26.21 -18.59 4.45
N TYR A 79 26.00 -19.58 3.59
CA TYR A 79 25.92 -19.35 2.16
C TYR A 79 24.47 -19.09 1.78
N ILE A 80 24.22 -17.95 1.14
CA ILE A 80 22.88 -17.61 0.65
C ILE A 80 22.94 -17.71 -0.85
N PRO A 81 22.33 -18.74 -1.46
CA PRO A 81 22.49 -18.80 -2.93
C PRO A 81 21.90 -17.63 -3.67
N LEU A 82 20.81 -17.03 -3.17
CA LEU A 82 20.21 -15.92 -3.88
C LEU A 82 19.74 -14.88 -2.90
N ASP A 83 20.46 -13.78 -2.89
CA ASP A 83 20.12 -12.67 -2.08
C ASP A 83 19.50 -11.68 -3.06
N GLN A 84 18.25 -11.30 -2.81
CA GLN A 84 17.53 -10.40 -3.72
C GLN A 84 17.42 -9.06 -3.05
N ILE A 85 18.19 -8.09 -3.57
CA ILE A 85 18.42 -6.81 -2.93
C ILE A 85 17.58 -5.79 -3.66
N ASP A 86 16.58 -5.25 -2.99
CA ASP A 86 15.70 -4.28 -3.64
C ASP A 86 16.41 -3.01 -4.02
N ILE A 87 16.14 -2.51 -5.21
CA ILE A 87 16.72 -1.27 -5.76
C ILE A 87 15.64 -0.18 -5.76
N ASN A 88 15.95 0.96 -5.14
CA ASN A 88 15.00 2.04 -4.91
C ASN A 88 14.55 2.73 -6.19
N VAL A 89 13.27 2.57 -6.48
CA VAL A 89 12.63 3.24 -7.59
C VAL A 89 11.39 4.02 -7.07
N GLY A 90 11.43 4.46 -5.84
CA GLY A 90 10.39 5.37 -5.39
C GLY A 90 9.31 4.78 -4.48
N PHE A 91 9.51 3.57 -3.98
CA PHE A 91 8.48 2.97 -3.09
C PHE A 91 8.01 3.87 -1.96
N ASP A 92 8.96 4.47 -1.29
CA ASP A 92 8.67 5.15 -0.04
C ASP A 92 7.85 6.42 -0.20
N SER A 93 7.89 7.06 -1.37
CA SER A 93 6.98 8.21 -1.64
C SER A 93 5.82 7.89 -2.60
N GLY A 94 5.74 6.66 -3.08
CA GLY A 94 4.64 6.31 -3.97
C GLY A 94 4.94 6.59 -5.44
N ILE A 95 6.16 7.00 -5.76
CA ILE A 95 6.44 7.28 -7.16
C ILE A 95 6.98 6.06 -7.93
N ASP A 96 6.95 4.88 -7.30
CA ASP A 96 7.11 3.59 -8.01
C ASP A 96 5.80 3.27 -8.75
N ARG A 97 4.75 4.04 -8.44
CA ARG A 97 3.45 3.87 -9.08
C ARG A 97 3.44 4.72 -10.33
N ILE A 98 3.00 4.16 -11.44
CA ILE A 98 3.18 4.88 -12.72
C ILE A 98 1.85 4.87 -13.45
N PHE A 99 1.68 5.85 -14.33
CA PHE A 99 0.53 5.93 -15.20
C PHE A 99 1.15 5.76 -16.60
N LEU A 100 1.05 4.55 -17.12
CA LEU A 100 1.85 4.18 -18.26
C LEU A 100 1.04 4.32 -19.52
N VAL A 101 1.30 5.38 -20.28
CA VAL A 101 0.65 5.51 -21.59
C VAL A 101 1.67 5.42 -22.72
N SER A 102 2.52 6.45 -22.80
CA SER A 102 3.73 6.49 -23.65
C SER A 102 4.90 5.83 -22.86
N PRO A 103 5.86 5.16 -23.54
CA PRO A 103 6.95 4.52 -22.79
C PRO A 103 7.57 5.37 -21.70
N ILE A 104 7.78 4.79 -20.55
CA ILE A 104 8.36 5.51 -19.42
C ILE A 104 9.81 5.02 -19.12
N THR A 105 10.71 5.97 -18.88
CA THR A 105 12.07 5.70 -18.40
C THR A 105 12.04 5.68 -16.88
N ILE A 106 12.25 4.49 -16.34
CA ILE A 106 12.28 4.30 -14.89
C ILE A 106 13.67 4.71 -14.41
N VAL A 107 13.75 5.45 -13.31
CA VAL A 107 14.98 6.03 -12.83
C VAL A 107 15.35 5.53 -11.41
N HIS A 108 16.52 4.92 -11.28
CA HIS A 108 17.13 4.62 -9.99
C HIS A 108 18.29 5.59 -9.77
N GLU A 109 18.12 6.52 -8.83
CA GLU A 109 19.21 7.37 -8.42
C GLU A 109 20.29 6.61 -7.67
N ILE A 110 21.52 6.65 -8.16
CA ILE A 110 22.61 5.90 -7.52
C ILE A 110 23.13 6.85 -6.41
N ASP A 111 22.56 6.72 -5.23
CA ASP A 111 23.02 7.50 -4.09
C ASP A 111 23.75 6.58 -3.09
N GLU A 112 24.02 7.10 -1.90
CA GLU A 112 24.81 6.33 -0.92
C GLU A 112 24.17 5.00 -0.51
N ASP A 113 22.85 4.92 -0.58
CA ASP A 113 22.12 3.68 -0.25
C ASP A 113 21.94 2.72 -1.43
N SER A 114 22.42 3.10 -2.60
CA SER A 114 22.28 2.22 -3.73
C SER A 114 23.36 1.15 -3.75
N PRO A 115 23.02 -0.11 -4.11
CA PRO A 115 24.07 -1.12 -4.30
C PRO A 115 25.14 -0.72 -5.30
N LEU A 116 24.88 0.27 -6.15
CA LEU A 116 25.81 0.64 -7.22
C LEU A 116 26.65 1.86 -6.89
N TYR A 117 26.50 2.39 -5.69
CA TYR A 117 27.15 3.61 -5.31
C TYR A 117 28.66 3.63 -5.63
N ASP A 118 29.35 2.52 -5.35
CA ASP A 118 30.79 2.46 -5.63
C ASP A 118 31.22 1.95 -6.99
N LEU A 119 30.32 1.90 -7.96
CA LEU A 119 30.71 1.23 -9.20
C LEU A 119 30.97 2.24 -10.30
N SER A 120 32.16 2.18 -10.85
CA SER A 120 32.60 3.02 -11.96
C SER A 120 32.28 2.27 -13.22
N LYS A 121 32.52 2.90 -14.37
CA LYS A 121 32.23 2.29 -15.63
C LYS A 121 33.11 1.05 -15.81
N GLN A 122 34.37 1.20 -15.38
CA GLN A 122 35.35 0.12 -15.39
C GLN A 122 34.88 -1.06 -14.53
N ASP A 123 34.48 -0.78 -13.29
CA ASP A 123 33.88 -1.79 -12.39
C ASP A 123 32.73 -2.55 -13.07
N ILE A 124 31.74 -1.82 -13.59
CA ILE A 124 30.64 -2.47 -14.30
C ILE A 124 31.12 -3.35 -15.47
N ASP A 125 32.10 -2.87 -16.24
CA ASP A 125 32.72 -3.64 -17.35
C ASP A 125 33.27 -5.01 -16.91
N ASN A 126 33.59 -5.16 -15.62
CA ASN A 126 34.18 -6.40 -15.12
C ASN A 126 33.33 -7.12 -14.11
N ALA A 127 32.06 -6.68 -14.00
CA ALA A 127 31.13 -7.22 -13.05
C ALA A 127 30.25 -8.31 -13.67
N ASP A 128 29.61 -9.10 -12.83
CA ASP A 128 28.83 -10.25 -13.29
C ASP A 128 27.39 -10.27 -12.72
N PHE A 129 27.00 -9.19 -12.04
CA PHE A 129 25.70 -9.15 -11.37
C PHE A 129 24.50 -9.13 -12.33
N GLU A 130 23.29 -9.34 -11.80
CA GLU A 130 22.06 -9.33 -12.60
C GLU A 130 21.02 -8.47 -11.88
N ILE A 131 20.40 -7.58 -12.62
CA ILE A 131 19.33 -6.74 -12.09
C ILE A 131 18.02 -7.16 -12.74
N VAL A 132 17.05 -7.62 -11.93
CA VAL A 132 15.76 -7.98 -12.46
C VAL A 132 14.88 -6.76 -12.29
N VAL A 133 14.04 -6.53 -13.30
CA VAL A 133 13.16 -5.39 -13.32
C VAL A 133 11.79 -5.95 -13.54
N ILE A 134 10.79 -5.33 -12.90
CA ILE A 134 9.44 -5.86 -12.85
C ILE A 134 8.49 -4.69 -12.96
N LEU A 135 7.42 -4.96 -13.70
CA LEU A 135 6.27 -4.05 -13.83
C LEU A 135 5.07 -4.95 -13.55
N GLU A 136 4.25 -4.51 -12.60
CA GLU A 136 3.03 -5.22 -12.19
C GLU A 136 1.83 -4.29 -12.28
N GLY A 137 0.65 -4.84 -12.55
CA GLY A 137 -0.57 -4.02 -12.59
C GLY A 137 -1.70 -4.89 -13.09
N MET A 138 -2.90 -4.33 -13.21
CA MET A 138 -4.07 -5.07 -13.69
C MET A 138 -4.47 -4.58 -15.06
N VAL A 139 -4.71 -5.50 -15.99
CA VAL A 139 -5.26 -5.10 -17.29
C VAL A 139 -6.65 -4.54 -17.04
N GLU A 140 -6.90 -3.31 -17.50
CA GLU A 140 -8.20 -2.61 -17.25
C GLU A 140 -9.41 -3.50 -17.62
N ALA A 141 -9.36 -4.07 -18.83
CA ALA A 141 -10.52 -4.73 -19.41
C ALA A 141 -10.90 -6.03 -18.67
N THR A 142 -9.92 -6.72 -18.07
CA THR A 142 -10.20 -8.03 -17.47
C THR A 142 -9.74 -8.21 -16.04
N ALA A 143 -9.13 -7.17 -15.47
CA ALA A 143 -8.46 -7.25 -14.14
C ALA A 143 -7.34 -8.32 -14.03
N MET A 144 -6.92 -8.92 -15.15
CA MET A 144 -5.75 -9.81 -15.18
C MET A 144 -4.51 -9.15 -14.56
N THR A 145 -3.96 -9.76 -13.51
CA THR A 145 -2.75 -9.25 -12.92
C THR A 145 -1.53 -9.70 -13.73
N LYS A 146 -0.77 -8.75 -14.24
CA LYS A 146 0.45 -9.08 -14.98
C LYS A 146 1.64 -8.82 -14.13
N GLN A 147 2.68 -9.62 -14.33
CA GLN A 147 3.99 -9.29 -13.81
C GLN A 147 4.94 -9.42 -15.00
N CYS A 148 5.27 -8.27 -15.58
CA CYS A 148 6.22 -8.27 -16.68
C CYS A 148 7.62 -8.27 -16.08
N ARG A 149 8.50 -9.18 -16.53
CA ARG A 149 9.82 -9.25 -15.92
C ARG A 149 10.84 -9.16 -17.03
N SER A 150 11.97 -8.56 -16.72
CA SER A 150 13.15 -8.68 -17.58
C SER A 150 14.37 -8.68 -16.70
N SER A 151 15.54 -8.63 -17.32
CA SER A 151 16.80 -8.77 -16.64
C SER A 151 17.89 -8.00 -17.41
N TYR A 152 18.74 -7.29 -16.65
CA TYR A 152 19.95 -6.70 -17.18
C TYR A 152 21.12 -7.29 -16.41
N LEU A 153 21.93 -8.06 -17.14
CA LEU A 153 23.27 -8.36 -16.68
C LEU A 153 24.12 -7.09 -16.72
N ALA A 154 25.21 -7.06 -15.95
CA ALA A 154 26.11 -5.90 -15.90
C ALA A 154 26.58 -5.44 -17.26
N ASN A 155 26.84 -6.40 -18.15
CA ASN A 155 27.24 -6.14 -19.54
C ASN A 155 26.09 -5.68 -20.46
N GLU A 156 24.86 -5.71 -19.97
CA GLU A 156 23.72 -5.20 -20.74
C GLU A 156 23.34 -3.74 -20.34
N ILE A 157 24.14 -3.18 -19.42
CA ILE A 157 24.04 -1.79 -19.01
C ILE A 157 25.03 -0.89 -19.81
N LEU A 158 24.50 0.13 -20.46
CA LEU A 158 25.24 1.00 -21.33
C LEU A 158 25.58 2.24 -20.56
N TRP A 159 26.82 2.32 -20.11
CA TRP A 159 27.32 3.48 -19.38
C TRP A 159 27.43 4.64 -20.36
N GLY A 160 26.88 5.79 -19.97
CA GLY A 160 26.92 6.98 -20.78
C GLY A 160 25.99 7.02 -21.95
N HIS A 161 24.82 6.37 -21.82
CA HIS A 161 23.82 6.37 -22.84
C HIS A 161 22.50 6.95 -22.32
N ARG A 162 21.68 7.41 -23.26
CA ARG A 162 20.32 7.92 -22.98
C ARG A 162 19.45 7.34 -24.05
N TYR A 163 18.16 7.15 -23.75
CA TYR A 163 17.21 6.64 -24.71
C TYR A 163 16.83 7.69 -25.77
N GLU A 164 16.57 7.24 -26.99
CA GLU A 164 15.99 8.05 -28.03
C GLU A 164 14.53 8.30 -27.62
N PRO A 165 14.06 9.57 -27.76
CA PRO A 165 12.66 9.92 -27.55
C PRO A 165 11.81 9.02 -28.46
N VAL A 166 10.67 8.55 -27.95
CA VAL A 166 9.66 7.81 -28.76
C VAL A 166 8.39 8.63 -29.03
N LEU A 167 8.19 9.65 -28.21
CA LEU A 167 6.93 10.40 -28.20
C LEU A 167 7.10 11.71 -28.95
N PHE A 168 6.26 11.90 -29.97
CA PHE A 168 6.26 13.07 -30.86
C PHE A 168 4.91 13.74 -31.02
N GLU A 169 4.94 15.04 -31.10
CA GLU A 169 3.75 15.86 -31.25
C GLU A 169 3.30 15.92 -32.72
N GLU A 170 2.04 15.58 -32.96
CA GLU A 170 1.38 15.95 -34.20
C GLU A 170 0.41 17.09 -33.90
N LYS A 171 -0.27 17.56 -34.94
CA LYS A 171 -1.22 18.67 -34.79
C LYS A 171 -2.31 18.37 -33.75
N HIS A 172 -3.00 17.27 -33.93
CA HIS A 172 -4.11 16.91 -33.04
C HIS A 172 -3.88 15.73 -32.11
N TYR A 173 -2.70 15.14 -32.14
CA TYR A 173 -2.49 13.95 -31.36
C TYR A 173 -1.00 13.76 -31.16
N TYR A 174 -0.66 12.73 -30.39
CA TYR A 174 0.72 12.40 -30.12
C TYR A 174 0.98 11.06 -30.76
N LYS A 175 2.18 10.85 -31.27
CA LYS A 175 2.50 9.58 -31.84
C LYS A 175 3.63 8.95 -31.07
N VAL A 176 3.54 7.65 -30.84
CA VAL A 176 4.59 6.92 -30.14
C VAL A 176 5.27 6.04 -31.17
N ASP A 177 6.53 6.33 -31.48
CA ASP A 177 7.25 5.58 -32.51
C ASP A 177 8.04 4.44 -31.89
N TYR A 178 7.49 3.23 -31.94
CA TYR A 178 8.11 2.10 -31.24
C TYR A 178 9.40 1.61 -31.90
N SER A 179 9.69 2.07 -33.13
CA SER A 179 10.96 1.75 -33.76
C SER A 179 12.10 2.40 -32.98
N ARG A 180 11.80 3.38 -32.14
CA ARG A 180 12.84 4.02 -31.33
C ARG A 180 12.93 3.48 -29.89
N PHE A 181 11.99 2.64 -29.50
CA PHE A 181 11.90 2.13 -28.13
C PHE A 181 13.23 1.65 -27.52
N HIS A 182 13.95 0.78 -28.24
CA HIS A 182 15.19 0.20 -27.74
C HIS A 182 16.41 0.99 -28.04
N LYS A 183 16.27 2.06 -28.82
CA LYS A 183 17.44 2.78 -29.30
C LYS A 183 17.98 3.78 -28.27
N THR A 184 19.30 3.93 -28.28
CA THR A 184 19.95 4.88 -27.41
C THR A 184 20.94 5.73 -28.17
N TYR A 185 21.32 6.83 -27.58
CA TYR A 185 22.47 7.55 -28.08
C TYR A 185 23.50 7.75 -26.96
N GLU A 186 24.72 8.06 -27.38
CA GLU A 186 25.86 8.02 -26.51
C GLU A 186 26.22 9.45 -26.12
N VAL A 187 26.56 9.61 -24.83
CA VAL A 187 26.86 10.91 -24.27
C VAL A 187 28.27 10.92 -23.72
N PRO A 188 29.27 11.26 -24.58
CA PRO A 188 30.72 11.23 -24.23
C PRO A 188 31.09 12.04 -22.99
N ASN A 189 30.29 13.03 -22.68
CA ASN A 189 30.44 13.94 -21.55
C ASN A 189 30.18 13.27 -20.15
N THR A 190 29.60 12.08 -20.11
CA THR A 190 29.31 11.34 -18.87
C THR A 190 30.58 10.99 -18.09
N PRO A 191 30.64 11.28 -16.77
CA PRO A 191 31.79 10.87 -15.98
C PRO A 191 31.93 9.34 -16.02
N LEU A 192 33.16 8.86 -15.97
CA LEU A 192 33.45 7.41 -15.98
C LEU A 192 33.61 6.82 -14.57
N CYS A 193 33.67 7.68 -13.57
CA CYS A 193 33.91 7.27 -12.21
C CYS A 193 32.58 6.96 -11.51
N SER A 194 32.66 6.47 -10.29
CA SER A 194 31.48 6.05 -9.54
C SER A 194 30.71 7.24 -9.00
N ALA A 195 29.48 6.96 -8.54
CA ALA A 195 28.64 7.97 -7.90
C ALA A 195 29.30 8.49 -6.64
N ARG A 196 29.99 7.60 -5.92
CA ARG A 196 30.70 7.99 -4.70
C ARG A 196 31.85 8.97 -5.00
N ASP A 197 32.65 8.66 -6.02
CA ASP A 197 33.66 9.58 -6.50
C ASP A 197 33.05 10.94 -6.82
N LEU A 198 31.91 10.93 -7.52
CA LEU A 198 31.26 12.18 -7.87
C LEU A 198 30.90 13.00 -6.62
N ALA A 199 30.38 12.33 -5.60
CA ALA A 199 29.98 12.96 -4.35
C ALA A 199 31.19 13.52 -3.63
N GLU A 200 32.33 12.81 -3.68
CA GLU A 200 33.60 13.30 -3.09
C GLU A 200 34.15 14.54 -3.79
N LYS A 201 34.17 14.51 -5.12
CA LYS A 201 34.64 15.66 -5.90
C LYS A 201 33.78 16.92 -5.68
N LYS A 202 32.45 16.76 -5.67
CA LYS A 202 31.52 17.83 -5.34
C LYS A 202 31.81 18.42 -3.96
N TYR A 203 32.17 17.56 -3.01
CA TYR A 203 32.45 17.97 -1.64
C TYR A 203 33.72 18.79 -1.59
N ILE A 204 34.76 18.25 -2.23
CA ILE A 204 36.06 18.89 -2.34
C ILE A 204 35.94 20.27 -3.01
N LEU A 205 35.13 20.35 -4.05
CA LEU A 205 34.90 21.60 -4.76
C LEU A 205 34.28 22.70 -3.91
N SER A 206 33.37 22.35 -3.01
CA SER A 206 32.69 23.36 -2.22
C SER A 206 33.46 23.77 -0.94
N ASN A 207 34.39 22.91 -0.49
CA ASN A 207 35.09 23.08 0.80
C ASN A 207 36.58 23.48 0.70
N SER B 2 30.06 -13.40 -7.62
CA SER B 2 28.84 -13.78 -6.80
C SER B 2 27.56 -13.99 -7.64
N HIS B 3 27.74 -14.49 -8.86
CA HIS B 3 26.60 -14.82 -9.72
C HIS B 3 26.98 -16.05 -10.53
N GLY B 4 26.07 -17.02 -10.62
CA GLY B 4 26.25 -18.18 -11.44
C GLY B 4 26.45 -17.84 -12.92
N ARG B 5 26.79 -18.86 -13.70
CA ARG B 5 27.13 -18.70 -15.09
C ARG B 5 25.93 -18.23 -15.91
N SER B 6 24.79 -18.88 -15.69
CA SER B 6 23.56 -18.52 -16.39
C SER B 6 22.79 -17.36 -15.72
N ARG B 7 22.01 -16.63 -16.50
CA ARG B 7 21.09 -15.62 -15.97
C ARG B 7 19.91 -16.30 -15.25
N PHE B 8 19.47 -15.65 -14.18
CA PHE B 8 18.33 -16.19 -13.42
C PHE B 8 17.00 -15.92 -14.16
N VAL B 9 16.90 -14.74 -14.79
CA VAL B 9 15.70 -14.34 -15.49
C VAL B 9 16.09 -14.04 -16.96
N LYS B 10 15.40 -14.64 -17.92
CA LYS B 10 15.72 -14.38 -19.30
C LYS B 10 15.16 -13.04 -19.76
N LYS B 11 15.70 -12.51 -20.85
CA LYS B 11 15.23 -11.21 -21.38
C LYS B 11 13.73 -11.15 -21.61
N ASP B 12 13.17 -12.28 -22.03
CA ASP B 12 11.74 -12.44 -22.25
C ASP B 12 10.94 -12.64 -20.97
N GLY B 13 11.60 -12.63 -19.81
CA GLY B 13 10.88 -12.75 -18.52
C GLY B 13 10.73 -14.15 -17.96
N HIS B 14 11.01 -15.15 -18.78
CA HIS B 14 11.00 -16.51 -18.28
C HIS B 14 12.09 -16.67 -17.22
N CYS B 15 11.75 -17.26 -16.08
CA CYS B 15 12.77 -17.54 -15.06
C CYS B 15 13.53 -18.81 -15.41
N ASN B 16 14.85 -18.78 -15.33
CA ASN B 16 15.67 -19.92 -15.76
C ASN B 16 15.89 -20.97 -14.65
N VAL B 17 14.79 -21.53 -14.16
CA VAL B 17 14.77 -22.39 -12.98
C VAL B 17 13.95 -23.65 -13.31
N GLN B 18 14.49 -24.81 -12.95
CA GLN B 18 13.81 -26.10 -13.06
C GLN B 18 13.57 -26.61 -11.65
N PHE B 19 12.35 -27.01 -11.35
CA PHE B 19 11.98 -27.57 -10.06
C PHE B 19 12.05 -29.10 -10.09
N ILE B 20 12.72 -29.73 -9.14
CA ILE B 20 12.82 -31.19 -9.15
C ILE B 20 12.39 -31.74 -7.79
N ASN B 21 12.03 -33.03 -7.77
CA ASN B 21 11.67 -33.73 -6.52
C ASN B 21 10.54 -33.06 -5.78
N VAL B 22 9.53 -32.57 -6.51
CA VAL B 22 8.39 -31.92 -5.87
C VAL B 22 7.43 -32.98 -5.31
N GLY B 23 7.56 -34.20 -5.84
CA GLY B 23 6.84 -35.38 -5.38
C GLY B 23 5.37 -35.40 -5.76
N GLU B 24 4.69 -36.46 -5.31
CA GLU B 24 3.22 -36.50 -5.25
C GLU B 24 2.79 -35.76 -3.99
N LYS B 25 3.67 -34.87 -3.50
CA LYS B 25 3.54 -34.19 -2.20
C LYS B 25 2.09 -33.94 -1.77
N ARG B 26 1.70 -34.52 -0.62
CA ARG B 26 0.33 -34.41 -0.06
C ARG B 26 -0.44 -33.18 -0.57
N ASN B 27 0.14 -32.00 -0.36
CA ASN B 27 -0.31 -30.77 -1.01
C ASN B 27 0.71 -30.28 -2.07
N GLU B 28 0.21 -29.97 -3.26
CA GLU B 28 0.90 -29.07 -4.20
C GLU B 28 0.72 -27.63 -3.68
N THR B 29 -0.05 -27.55 -2.61
CA THR B 29 -0.40 -26.33 -1.89
C THR B 29 0.65 -25.98 -0.80
N LEU B 30 1.53 -26.95 -0.47
CA LEU B 30 2.78 -26.73 0.34
C LEU B 30 3.55 -25.46 0.01
N VAL B 31 3.70 -24.61 1.00
CA VAL B 31 4.24 -23.31 0.76
C VAL B 31 5.24 -23.03 1.83
N PHE B 32 5.00 -23.46 3.07
CA PHE B 32 5.89 -23.10 4.18
C PHE B 32 6.74 -24.25 4.71
N SER B 33 7.98 -23.98 5.15
CA SER B 33 8.79 -25.01 5.78
C SER B 33 8.10 -25.55 7.05
N HIS B 34 8.28 -26.82 7.29
CA HIS B 34 7.65 -27.46 8.46
C HIS B 34 8.08 -26.81 9.77
N ASN B 35 9.34 -26.36 9.85
CA ASN B 35 9.90 -25.70 10.99
C ASN B 35 10.35 -24.28 10.66
N ALA B 36 10.40 -23.43 11.68
CA ALA B 36 11.05 -22.12 11.64
C ALA B 36 12.36 -22.33 12.36
N VAL B 37 13.30 -21.39 12.22
CA VAL B 37 14.59 -21.52 12.90
C VAL B 37 14.92 -20.23 13.60
N ILE B 38 15.76 -20.27 14.61
CA ILE B 38 16.33 -19.07 15.13
C ILE B 38 17.84 -19.19 14.95
N ALA B 39 18.45 -18.18 14.33
CA ALA B 39 19.89 -18.23 14.16
C ALA B 39 20.43 -16.83 13.98
N MET B 40 21.76 -16.73 14.12
CA MET B 40 22.50 -15.49 13.84
C MET B 40 22.66 -15.27 12.34
N ARG B 41 22.40 -14.03 11.91
CA ARG B 41 22.69 -13.63 10.56
C ARG B 41 23.21 -12.19 10.57
N ASP B 42 24.44 -12.02 10.10
CA ASP B 42 25.13 -10.73 10.14
C ASP B 42 25.04 -10.01 11.52
N GLY B 43 25.42 -10.73 12.56
CA GLY B 43 25.49 -10.22 13.92
C GLY B 43 24.13 -9.93 14.56
N LYS B 44 23.04 -10.37 13.93
CA LYS B 44 21.69 -10.24 14.52
C LYS B 44 21.05 -11.59 14.77
N LEU B 45 20.36 -11.77 15.90
CA LEU B 45 19.62 -13.01 16.14
C LEU B 45 18.30 -12.90 15.35
N CYS B 46 18.01 -13.87 14.50
CA CYS B 46 16.83 -13.80 13.61
C CYS B 46 15.96 -15.02 13.75
N LEU B 47 14.66 -14.78 13.70
CA LEU B 47 13.66 -15.80 13.44
C LEU B 47 13.41 -15.88 11.92
N MET B 48 13.51 -17.09 11.38
CA MET B 48 13.39 -17.32 9.93
C MET B 48 12.51 -18.47 9.61
N TRP B 49 11.92 -18.41 8.43
CA TRP B 49 11.13 -19.52 7.91
C TRP B 49 11.15 -19.44 6.41
N ARG B 50 10.93 -20.57 5.74
CA ARG B 50 11.06 -20.59 4.30
C ARG B 50 9.66 -20.65 3.66
N VAL B 51 9.51 -19.96 2.54
CA VAL B 51 8.27 -20.00 1.81
C VAL B 51 8.59 -20.28 0.33
N GLY B 52 7.84 -21.16 -0.31
CA GLY B 52 8.00 -21.35 -1.76
C GLY B 52 6.78 -20.81 -2.46
N ASN B 53 6.87 -20.54 -3.78
CA ASN B 53 5.63 -20.16 -4.52
C ASN B 53 4.76 -21.39 -4.68
N LEU B 54 3.45 -21.18 -4.86
CA LEU B 54 2.49 -22.24 -5.12
C LEU B 54 2.81 -22.85 -6.47
N GLN B 55 2.87 -24.19 -6.57
CA GLN B 55 3.30 -24.81 -7.84
C GLN B 55 2.32 -24.53 -8.97
N LYS B 56 1.03 -24.54 -8.64
CA LYS B 56 -0.03 -24.48 -9.65
C LYS B 56 -0.81 -23.15 -9.69
N SER B 57 -0.40 -22.20 -8.87
CA SER B 57 -1.02 -20.86 -8.77
C SER B 57 0.06 -19.80 -8.52
N HIS B 58 0.98 -19.61 -9.48
CA HIS B 58 2.13 -18.75 -9.27
C HIS B 58 1.73 -17.31 -8.86
N LEU B 59 2.17 -16.90 -7.67
CA LEU B 59 1.73 -15.65 -7.05
C LEU B 59 2.66 -14.51 -7.36
N VAL B 60 2.07 -13.40 -7.78
CA VAL B 60 2.76 -12.13 -8.02
C VAL B 60 2.12 -11.03 -7.15
N GLU B 61 2.72 -9.82 -7.15
CA GLU B 61 2.37 -8.82 -6.14
C GLU B 61 2.37 -9.49 -4.72
N ALA B 62 3.35 -10.37 -4.47
CA ALA B 62 3.31 -11.24 -3.28
C ALA B 62 3.93 -10.54 -2.10
N HIS B 63 3.38 -10.80 -0.90
CA HIS B 63 3.98 -10.21 0.26
C HIS B 63 3.67 -11.09 1.49
N VAL B 64 4.45 -10.92 2.55
CA VAL B 64 4.38 -11.83 3.67
C VAL B 64 4.01 -11.11 4.96
N ARG B 65 3.46 -11.86 5.91
CA ARG B 65 3.23 -11.30 7.25
C ARG B 65 3.39 -12.41 8.23
N ALA B 66 3.54 -12.02 9.49
CA ALA B 66 3.57 -12.96 10.58
C ALA B 66 2.96 -12.33 11.81
N GLN B 67 2.32 -13.16 12.64
CA GLN B 67 1.82 -12.66 13.93
C GLN B 67 2.10 -13.64 15.05
N LEU B 68 2.48 -13.14 16.22
CA LEU B 68 2.42 -13.97 17.40
C LEU B 68 1.02 -13.99 18.06
N LEU B 69 0.49 -15.20 18.30
CA LEU B 69 -0.83 -15.42 18.87
C LEU B 69 -0.67 -15.83 20.33
N LYS B 70 -1.35 -15.10 21.20
CA LYS B 70 -1.44 -15.49 22.60
C LYS B 70 -2.62 -14.77 23.23
N SER B 71 -3.02 -15.21 24.42
CA SER B 71 -3.97 -14.46 25.26
C SER B 71 -3.21 -13.47 26.16
N ARG B 72 -3.91 -12.45 26.64
CA ARG B 72 -3.30 -11.54 27.59
C ARG B 72 -4.36 -10.84 28.43
N ILE B 73 -3.91 -10.30 29.55
CA ILE B 73 -4.80 -9.60 30.48
C ILE B 73 -4.29 -8.20 30.43
N THR B 74 -5.15 -7.22 30.22
CA THR B 74 -4.71 -5.85 30.26
C THR B 74 -4.48 -5.39 31.71
N SER B 75 -3.80 -4.26 31.88
CA SER B 75 -3.66 -3.75 33.24
C SER B 75 -4.98 -3.41 33.93
N GLU B 76 -6.07 -3.22 33.16
CA GLU B 76 -7.38 -2.93 33.76
C GLU B 76 -8.08 -4.22 34.15
N GLY B 77 -7.43 -5.36 33.91
CA GLY B 77 -8.03 -6.64 34.23
C GLY B 77 -8.84 -7.28 33.13
N GLU B 78 -8.82 -6.71 31.91
CA GLU B 78 -9.56 -7.31 30.79
C GLU B 78 -8.84 -8.55 30.24
N TYR B 79 -9.56 -9.64 30.06
CA TYR B 79 -9.01 -10.86 29.48
C TYR B 79 -9.22 -10.77 27.96
N ILE B 80 -8.13 -10.85 27.21
CA ILE B 80 -8.13 -10.89 25.74
C ILE B 80 -7.81 -12.34 25.30
N PRO B 81 -8.81 -13.06 24.79
CA PRO B 81 -8.56 -14.42 24.42
C PRO B 81 -7.49 -14.56 23.33
N LEU B 82 -7.46 -13.63 22.39
CA LEU B 82 -6.54 -13.76 21.26
C LEU B 82 -6.01 -12.41 20.86
N ASP B 83 -4.75 -12.18 21.20
CA ASP B 83 -4.04 -10.97 20.85
C ASP B 83 -3.17 -11.43 19.67
N GLN B 84 -3.20 -10.67 18.59
CA GLN B 84 -2.57 -11.01 17.34
C GLN B 84 -1.59 -9.92 17.08
N ILE B 85 -0.33 -10.19 17.41
CA ILE B 85 0.70 -9.17 17.43
C ILE B 85 1.55 -9.36 16.19
N ASP B 86 1.52 -8.35 15.32
CA ASP B 86 2.22 -8.47 14.06
C ASP B 86 3.72 -8.47 14.34
N ILE B 87 4.47 -9.31 13.63
CA ILE B 87 5.93 -9.51 13.74
C ILE B 87 6.63 -8.83 12.51
N ASN B 88 7.58 -7.92 12.74
CA ASN B 88 8.14 -7.12 11.63
C ASN B 88 8.91 -8.02 10.62
N VAL B 89 8.40 -8.08 9.39
CA VAL B 89 9.16 -8.67 8.25
C VAL B 89 9.37 -7.67 7.09
N GLY B 90 9.34 -6.38 7.39
CA GLY B 90 9.83 -5.38 6.45
C GLY B 90 8.73 -4.54 5.87
N PHE B 91 7.52 -4.62 6.41
CA PHE B 91 6.45 -3.72 5.92
C PHE B 91 6.84 -2.26 5.70
N ASP B 92 7.50 -1.68 6.68
CA ASP B 92 7.73 -0.25 6.63
C ASP B 92 8.69 0.18 5.52
N SER B 93 9.60 -0.69 5.10
CA SER B 93 10.49 -0.30 4.01
C SER B 93 10.06 -0.96 2.70
N GLY B 94 9.08 -1.84 2.76
CA GLY B 94 8.58 -2.48 1.53
C GLY B 94 9.25 -3.82 1.21
N ILE B 95 10.08 -4.31 2.13
CA ILE B 95 10.80 -5.57 1.85
C ILE B 95 9.99 -6.81 2.29
N ASP B 96 8.79 -6.58 2.83
CA ASP B 96 7.80 -7.65 3.02
C ASP B 96 7.26 -8.09 1.62
N ARG B 97 7.54 -7.32 0.59
CA ARG B 97 7.09 -7.61 -0.78
C ARG B 97 8.14 -8.50 -1.43
N ILE B 98 7.77 -9.67 -1.89
CA ILE B 98 8.79 -10.62 -2.36
C ILE B 98 8.55 -10.96 -3.83
N PHE B 99 9.64 -11.14 -4.54
CA PHE B 99 9.63 -11.63 -5.90
C PHE B 99 9.99 -13.11 -5.76
N LEU B 100 8.95 -13.96 -5.79
CA LEU B 100 9.04 -15.32 -5.29
C LEU B 100 9.19 -16.29 -6.45
N VAL B 101 10.41 -16.70 -6.74
CA VAL B 101 10.62 -17.65 -7.84
C VAL B 101 11.05 -18.97 -7.17
N SER B 102 12.31 -19.03 -6.74
CA SER B 102 12.77 -20.07 -5.82
C SER B 102 12.48 -19.75 -4.33
N PRO B 103 12.39 -20.80 -3.50
CA PRO B 103 11.96 -20.62 -2.11
C PRO B 103 12.79 -19.56 -1.39
N ILE B 104 12.10 -18.65 -0.73
CA ILE B 104 12.75 -17.56 -0.04
C ILE B 104 12.75 -17.78 1.48
N THR B 105 13.85 -17.47 2.16
CA THR B 105 13.90 -17.52 3.62
C THR B 105 13.51 -16.13 4.17
N ILE B 106 12.33 -16.06 4.77
CA ILE B 106 11.85 -14.82 5.33
C ILE B 106 12.56 -14.57 6.68
N VAL B 107 12.90 -13.32 6.97
CA VAL B 107 13.75 -12.99 8.12
C VAL B 107 13.06 -11.94 9.02
N HIS B 108 12.79 -12.30 10.27
CA HIS B 108 12.37 -11.36 11.27
C HIS B 108 13.59 -11.15 12.15
N GLU B 109 14.17 -9.97 12.11
CA GLU B 109 15.28 -9.63 13.03
C GLU B 109 14.75 -9.42 14.44
N ILE B 110 15.30 -10.15 15.39
CA ILE B 110 14.80 -10.04 16.76
C ILE B 110 15.49 -8.82 17.40
N ASP B 111 14.91 -7.65 17.18
CA ASP B 111 15.45 -6.45 17.82
C ASP B 111 14.60 -6.01 19.03
N GLU B 112 14.83 -4.78 19.48
CA GLU B 112 14.26 -4.28 20.74
C GLU B 112 12.74 -4.23 20.64
N ASP B 113 12.23 -4.15 19.42
CA ASP B 113 10.80 -4.03 19.15
C ASP B 113 10.12 -5.38 18.82
N SER B 114 10.91 -6.45 18.72
CA SER B 114 10.33 -7.76 18.52
C SER B 114 9.73 -8.29 19.82
N PRO B 115 8.61 -9.03 19.76
CA PRO B 115 8.09 -9.78 20.92
C PRO B 115 9.01 -10.90 21.41
N LEU B 116 10.01 -11.27 20.60
CA LEU B 116 10.92 -12.32 21.01
C LEU B 116 12.19 -11.80 21.68
N TYR B 117 12.32 -10.48 21.84
CA TYR B 117 13.60 -9.85 22.21
C TYR B 117 14.22 -10.41 23.51
N ASP B 118 13.38 -10.81 24.44
CA ASP B 118 13.80 -11.29 25.74
C ASP B 118 13.86 -12.81 25.90
N LEU B 119 13.62 -13.54 24.81
CA LEU B 119 13.56 -14.99 24.87
C LEU B 119 14.88 -15.69 24.51
N SER B 120 15.39 -16.47 25.45
CA SER B 120 16.54 -17.33 25.23
C SER B 120 16.06 -18.69 24.72
N LYS B 121 16.99 -19.55 24.33
CA LYS B 121 16.64 -20.90 23.92
C LYS B 121 15.79 -21.64 24.98
N GLN B 122 16.16 -21.48 26.24
CA GLN B 122 15.39 -22.14 27.32
C GLN B 122 14.00 -21.51 27.53
N ASP B 123 13.90 -20.21 27.33
CA ASP B 123 12.60 -19.54 27.32
C ASP B 123 11.71 -20.08 26.19
N ILE B 124 12.26 -20.32 25.01
CA ILE B 124 11.45 -20.86 23.92
C ILE B 124 11.04 -22.31 24.24
N ASP B 125 11.89 -23.04 24.96
CA ASP B 125 11.57 -24.42 25.38
C ASP B 125 10.40 -24.52 26.37
N ASN B 126 10.22 -23.49 27.18
CA ASN B 126 9.18 -23.46 28.20
C ASN B 126 7.94 -22.74 27.71
N ALA B 127 7.95 -22.35 26.44
CA ALA B 127 6.88 -21.51 25.89
C ALA B 127 5.82 -22.34 25.20
N ASP B 128 4.64 -21.75 25.05
CA ASP B 128 3.54 -22.40 24.36
C ASP B 128 2.94 -21.50 23.23
N PHE B 129 3.56 -20.35 22.96
CA PHE B 129 2.99 -19.43 21.93
C PHE B 129 2.96 -20.03 20.54
N GLU B 130 2.26 -19.36 19.64
CA GLU B 130 2.12 -19.82 18.27
C GLU B 130 2.42 -18.65 17.33
N ILE B 131 3.16 -18.89 16.27
CA ILE B 131 3.45 -17.81 15.31
C ILE B 131 2.77 -18.20 14.00
N VAL B 132 1.77 -17.43 13.58
CA VAL B 132 1.09 -17.64 12.26
C VAL B 132 1.89 -16.94 11.20
N VAL B 133 2.08 -17.60 10.06
CA VAL B 133 2.85 -17.04 8.95
C VAL B 133 1.90 -16.99 7.75
N ILE B 134 1.97 -15.91 6.99
CA ILE B 134 1.06 -15.69 5.88
C ILE B 134 1.81 -15.22 4.64
N LEU B 135 1.37 -15.76 3.50
CA LEU B 135 1.78 -15.35 2.16
C LEU B 135 0.50 -15.00 1.40
N GLU B 136 0.45 -13.80 0.83
CA GLU B 136 -0.70 -13.37 -0.01
C GLU B 136 -0.18 -12.83 -1.33
N GLY B 137 -0.97 -12.97 -2.40
CA GLY B 137 -0.60 -12.37 -3.69
C GLY B 137 -1.73 -12.64 -4.63
N MET B 138 -1.52 -12.27 -5.90
CA MET B 138 -2.47 -12.43 -6.96
C MET B 138 -1.94 -13.54 -7.83
N VAL B 139 -2.80 -14.39 -8.35
CA VAL B 139 -2.40 -15.46 -9.27
C VAL B 139 -2.06 -14.80 -10.62
N GLU B 140 -0.82 -14.95 -11.04
CA GLU B 140 -0.34 -14.34 -12.26
C GLU B 140 -1.22 -14.64 -13.46
N ALA B 141 -1.46 -13.62 -14.28
CA ALA B 141 -2.32 -13.73 -15.47
C ALA B 141 -3.83 -13.95 -15.15
N THR B 142 -4.25 -13.57 -13.95
CA THR B 142 -5.65 -13.75 -13.59
C THR B 142 -6.02 -12.64 -12.67
N ALA B 143 -7.31 -12.59 -12.30
CA ALA B 143 -7.77 -11.63 -11.32
C ALA B 143 -7.99 -12.30 -9.95
N MET B 144 -7.42 -13.49 -9.76
CA MET B 144 -7.70 -14.31 -8.57
C MET B 144 -6.64 -14.01 -7.54
N THR B 145 -7.01 -14.14 -6.27
CA THR B 145 -6.13 -13.87 -5.15
C THR B 145 -5.98 -15.10 -4.28
N LYS B 146 -4.88 -15.17 -3.49
CA LYS B 146 -4.58 -16.27 -2.58
C LYS B 146 -3.98 -15.76 -1.27
N GLN B 147 -4.34 -16.45 -0.20
CA GLN B 147 -3.75 -16.28 1.15
C GLN B 147 -3.40 -17.69 1.63
N CYS B 148 -2.10 -17.97 1.83
CA CYS B 148 -1.60 -19.28 2.24
C CYS B 148 -1.18 -19.09 3.67
N ARG B 149 -1.56 -20.01 4.56
CA ARG B 149 -1.23 -19.83 5.96
C ARG B 149 -0.53 -21.05 6.49
N SER B 150 0.25 -20.83 7.53
CA SER B 150 0.75 -21.93 8.33
C SER B 150 1.03 -21.40 9.70
N SER B 151 1.63 -22.22 10.52
CA SER B 151 1.80 -21.90 11.90
C SER B 151 3.00 -22.66 12.50
N TYR B 152 3.72 -21.99 13.40
CA TYR B 152 4.78 -22.61 14.17
C TYR B 152 4.44 -22.45 15.67
N LEU B 153 4.23 -23.58 16.34
CA LEU B 153 4.28 -23.57 17.82
C LEU B 153 5.72 -23.31 18.26
N ALA B 154 5.89 -22.75 19.48
CA ALA B 154 7.20 -22.52 20.04
C ALA B 154 8.14 -23.72 19.90
N ASN B 155 7.60 -24.92 20.15
CA ASN B 155 8.37 -26.14 20.00
C ASN B 155 8.66 -26.58 18.56
N GLU B 156 8.17 -25.84 17.57
CA GLU B 156 8.46 -26.14 16.17
C GLU B 156 9.51 -25.18 15.62
N ILE B 157 10.01 -24.32 16.49
CA ILE B 157 11.06 -23.38 16.14
C ILE B 157 12.38 -24.00 16.59
N LEU B 158 13.28 -24.22 15.63
CA LEU B 158 14.58 -24.86 15.95
C LEU B 158 15.66 -23.87 16.21
N TRP B 159 16.05 -23.76 17.48
CA TRP B 159 17.05 -22.79 17.92
C TRP B 159 18.44 -23.31 17.46
N GLY B 160 19.19 -22.45 16.81
CA GLY B 160 20.50 -22.82 16.32
C GLY B 160 20.48 -23.62 15.04
N HIS B 161 19.44 -23.47 14.21
CA HIS B 161 19.39 -24.17 12.93
C HIS B 161 19.37 -23.23 11.74
N ARG B 162 19.82 -23.72 10.58
CA ARG B 162 19.72 -22.95 9.32
C ARG B 162 19.14 -23.86 8.27
N TYR B 163 18.47 -23.32 7.25
CA TYR B 163 17.92 -24.18 6.16
C TYR B 163 19.03 -24.73 5.26
N GLU B 164 18.89 -25.97 4.82
CA GLU B 164 19.62 -26.44 3.67
C GLU B 164 19.26 -25.63 2.38
N PRO B 165 20.29 -25.22 1.59
CA PRO B 165 20.10 -24.60 0.25
C PRO B 165 19.19 -25.47 -0.56
N VAL B 166 18.24 -24.88 -1.29
CA VAL B 166 17.50 -25.62 -2.30
C VAL B 166 17.91 -25.20 -3.72
N LEU B 167 18.63 -24.09 -3.86
CA LEU B 167 18.83 -23.52 -5.20
C LEU B 167 20.26 -23.86 -5.67
N PHE B 168 20.37 -24.48 -6.86
CA PHE B 168 21.67 -25.03 -7.33
C PHE B 168 21.96 -24.60 -8.76
N GLU B 169 23.22 -24.26 -9.02
CA GLU B 169 23.62 -23.89 -10.38
C GLU B 169 23.94 -25.09 -11.27
N GLU B 170 23.25 -25.21 -12.40
CA GLU B 170 23.71 -26.05 -13.51
C GLU B 170 24.32 -25.13 -14.57
N LYS B 171 24.83 -25.70 -15.65
CA LYS B 171 25.45 -24.89 -16.72
C LYS B 171 24.49 -23.85 -17.36
N HIS B 172 23.32 -24.29 -17.80
CA HIS B 172 22.43 -23.38 -18.53
C HIS B 172 21.18 -22.97 -17.76
N TYR B 173 21.08 -23.35 -16.49
CA TYR B 173 19.89 -23.03 -15.70
C TYR B 173 20.13 -23.33 -14.22
N TYR B 174 19.12 -23.08 -13.40
CA TYR B 174 19.22 -23.29 -11.97
C TYR B 174 18.19 -24.34 -11.63
N LYS B 175 18.51 -25.23 -10.71
CA LYS B 175 17.49 -26.14 -10.26
C LYS B 175 17.16 -25.89 -8.79
N VAL B 176 15.90 -26.11 -8.45
CA VAL B 176 15.39 -26.00 -7.10
C VAL B 176 15.08 -27.43 -6.67
N ASP B 177 15.83 -27.93 -5.71
CA ASP B 177 15.66 -29.31 -5.31
C ASP B 177 14.72 -29.31 -4.12
N TYR B 178 13.46 -29.62 -4.37
CA TYR B 178 12.46 -29.57 -3.31
C TYR B 178 12.63 -30.64 -2.22
N SER B 179 13.47 -31.65 -2.49
CA SER B 179 13.84 -32.64 -1.46
C SER B 179 14.54 -32.00 -0.26
N ARG B 180 15.09 -30.80 -0.45
CA ARG B 180 15.77 -30.12 0.65
C ARG B 180 14.97 -29.04 1.29
N PHE B 181 13.77 -28.80 0.76
CA PHE B 181 12.91 -27.72 1.27
C PHE B 181 12.76 -27.63 2.80
N HIS B 182 12.41 -28.73 3.45
CA HIS B 182 12.19 -28.75 4.89
C HIS B 182 13.43 -29.04 5.72
N LYS B 183 14.57 -29.23 5.04
CA LYS B 183 15.75 -29.72 5.75
C LYS B 183 16.55 -28.61 6.38
N THR B 184 17.15 -28.89 7.53
CA THR B 184 17.97 -27.92 8.21
C THR B 184 19.32 -28.53 8.62
N TYR B 185 20.26 -27.67 8.93
CA TYR B 185 21.43 -28.14 9.64
C TYR B 185 21.59 -27.37 10.94
N GLU B 186 22.42 -27.92 11.82
CA GLU B 186 22.59 -27.37 13.13
C GLU B 186 23.88 -26.56 13.19
N VAL B 187 23.78 -25.41 13.80
CA VAL B 187 24.90 -24.53 14.02
C VAL B 187 25.23 -24.50 15.53
N PRO B 188 26.08 -25.45 16.02
CA PRO B 188 26.42 -25.49 17.47
C PRO B 188 26.94 -24.18 18.04
N ASN B 189 27.46 -23.33 17.16
CA ASN B 189 28.05 -22.02 17.43
C ASN B 189 27.01 -20.97 17.85
N THR B 190 25.72 -21.29 17.71
CA THR B 190 24.67 -20.29 17.99
C THR B 190 24.60 -19.97 19.47
N PRO B 191 24.63 -18.67 19.80
CA PRO B 191 24.50 -18.25 21.20
C PRO B 191 23.17 -18.75 21.73
N LEU B 192 23.12 -19.14 23.00
CA LEU B 192 21.91 -19.67 23.63
C LEU B 192 21.12 -18.62 24.42
N CYS B 193 21.63 -17.40 24.51
CA CYS B 193 20.91 -16.37 25.24
C CYS B 193 19.92 -15.58 24.36
N SER B 194 19.17 -14.65 24.97
CA SER B 194 18.22 -13.80 24.25
C SER B 194 18.94 -12.77 23.41
N ALA B 195 18.23 -12.20 22.43
CA ALA B 195 18.72 -11.06 21.69
C ALA B 195 18.94 -9.84 22.59
N ARG B 196 18.21 -9.73 23.70
CA ARG B 196 18.46 -8.64 24.66
C ARG B 196 19.86 -8.74 25.28
N ASP B 197 20.21 -9.94 25.74
CA ASP B 197 21.51 -10.21 26.33
C ASP B 197 22.66 -10.09 25.35
N LEU B 198 22.43 -10.48 24.09
CA LEU B 198 23.42 -10.33 23.02
C LEU B 198 23.68 -8.86 22.76
N ALA B 199 22.63 -8.06 22.86
CA ALA B 199 22.75 -6.62 22.67
C ALA B 199 23.44 -6.00 23.90
N GLU B 200 23.02 -6.38 25.11
CA GLU B 200 23.66 -5.86 26.34
C GLU B 200 25.00 -6.55 26.65
N LYS B 201 25.80 -6.72 25.58
CA LYS B 201 27.26 -6.99 25.67
C LYS B 201 27.92 -6.62 24.34
N LYS B 202 27.91 -5.32 24.04
CA LYS B 202 28.46 -4.79 22.78
C LYS B 202 29.25 -3.49 22.97
N SER C 2 0.11 -19.27 28.43
CA SER C 2 -0.91 -18.30 27.86
C SER C 2 -1.29 -18.55 26.38
N HIS C 3 -1.30 -19.82 26.00
CA HIS C 3 -1.87 -20.26 24.74
C HIS C 3 -2.70 -21.45 25.17
N GLY C 4 -3.77 -21.75 24.44
CA GLY C 4 -4.58 -22.93 24.68
C GLY C 4 -3.82 -24.21 24.33
N ARG C 5 -4.42 -25.35 24.66
CA ARG C 5 -3.82 -26.66 24.38
C ARG C 5 -3.58 -26.85 22.88
N SER C 6 -4.58 -26.55 22.05
CA SER C 6 -4.51 -26.81 20.62
C SER C 6 -3.90 -25.62 19.85
N ARG C 7 -3.39 -25.90 18.66
CA ARG C 7 -2.99 -24.83 17.78
C ARG C 7 -4.22 -24.10 17.23
N PHE C 8 -4.07 -22.80 16.92
CA PHE C 8 -5.16 -22.01 16.33
C PHE C 8 -5.23 -22.22 14.81
N VAL C 9 -4.05 -22.39 14.20
CA VAL C 9 -3.93 -22.59 12.77
C VAL C 9 -3.15 -23.88 12.57
N LYS C 10 -3.67 -24.81 11.80
CA LYS C 10 -3.01 -26.04 11.51
C LYS C 10 -1.88 -25.86 10.49
N LYS C 11 -0.98 -26.85 10.41
CA LYS C 11 0.16 -26.73 9.51
C LYS C 11 -0.29 -26.58 8.09
N ASP C 12 -1.42 -27.18 7.74
CA ASP C 12 -1.96 -27.04 6.39
C ASP C 12 -2.71 -25.71 6.15
N GLY C 13 -2.68 -24.77 7.10
CA GLY C 13 -3.35 -23.49 6.93
C GLY C 13 -4.80 -23.38 7.38
N HIS C 14 -5.48 -24.50 7.51
CA HIS C 14 -6.84 -24.48 8.03
C HIS C 14 -6.85 -24.02 9.50
N CYS C 15 -7.86 -23.23 9.87
CA CYS C 15 -7.91 -22.76 11.24
C CYS C 15 -8.57 -23.84 12.07
N ASN C 16 -8.16 -23.97 13.31
CA ASN C 16 -8.70 -24.99 14.20
C ASN C 16 -9.85 -24.43 15.08
N VAL C 17 -10.89 -23.92 14.44
CA VAL C 17 -11.94 -23.15 15.08
C VAL C 17 -13.29 -23.63 14.58
N GLN C 18 -14.24 -23.83 15.50
CA GLN C 18 -15.61 -24.10 15.04
C GLN C 18 -16.52 -22.93 15.42
N PHE C 19 -17.33 -22.48 14.48
CA PHE C 19 -18.27 -21.38 14.71
C PHE C 19 -19.62 -21.92 15.19
N ILE C 20 -20.14 -21.42 16.30
CA ILE C 20 -21.43 -21.93 16.77
C ILE C 20 -22.40 -20.75 16.89
N ASN C 21 -23.71 -21.03 16.86
CA ASN C 21 -24.74 -20.03 17.05
C ASN C 21 -24.65 -18.89 16.04
N VAL C 22 -24.38 -19.25 14.79
CA VAL C 22 -24.17 -18.30 13.71
C VAL C 22 -25.52 -17.81 13.17
N GLY C 23 -26.58 -18.59 13.42
CA GLY C 23 -27.91 -18.27 12.89
C GLY C 23 -28.07 -18.68 11.43
N GLU C 24 -28.98 -18.01 10.73
CA GLU C 24 -29.32 -18.41 9.36
C GLU C 24 -28.20 -17.99 8.40
N LYS C 25 -27.71 -18.98 7.62
CA LYS C 25 -26.65 -18.77 6.62
C LYS C 25 -26.87 -17.56 5.70
N ARG C 26 -26.30 -16.42 6.07
CA ARG C 26 -26.53 -15.13 5.37
C ARG C 26 -25.72 -14.99 4.07
N ASN C 27 -26.17 -14.09 3.19
CA ASN C 27 -25.45 -13.80 1.95
C ASN C 27 -24.23 -12.88 2.20
N GLU C 28 -24.36 -11.96 3.14
CA GLU C 28 -23.21 -11.20 3.65
C GLU C 28 -22.72 -11.82 4.95
N THR C 29 -21.49 -12.33 4.97
CA THR C 29 -21.01 -13.01 6.17
C THR C 29 -20.08 -12.12 6.98
N LEU C 30 -19.72 -10.96 6.45
CA LEU C 30 -18.96 -10.01 7.25
C LEU C 30 -19.91 -9.15 8.11
N VAL C 31 -19.61 -8.98 9.38
CA VAL C 31 -20.58 -8.32 10.29
C VAL C 31 -19.85 -7.43 11.31
N PHE C 32 -20.44 -6.28 11.67
CA PHE C 32 -19.93 -5.40 12.72
C PHE C 32 -20.82 -5.46 13.92
N SER C 33 -20.25 -5.22 15.11
CA SER C 33 -21.06 -5.21 16.35
C SER C 33 -22.08 -4.08 16.30
N HIS C 34 -23.24 -4.27 16.95
CA HIS C 34 -24.30 -3.27 16.93
C HIS C 34 -23.81 -1.99 17.58
N ASN C 35 -23.01 -2.11 18.64
CA ASN C 35 -22.46 -0.96 19.32
C ASN C 35 -20.91 -0.88 19.24
N ALA C 36 -20.40 0.33 19.41
CA ALA C 36 -19.00 0.58 19.62
C ALA C 36 -18.87 0.88 21.09
N VAL C 37 -17.65 0.84 21.62
CA VAL C 37 -17.49 1.09 23.07
C VAL C 37 -16.36 2.06 23.29
N ILE C 38 -16.34 2.73 24.44
CA ILE C 38 -15.20 3.46 24.80
C ILE C 38 -14.79 2.91 26.16
N ALA C 39 -13.52 2.54 26.29
CA ALA C 39 -13.06 1.98 27.55
C ALA C 39 -11.56 2.16 27.68
N MET C 40 -11.02 1.91 28.88
CA MET C 40 -9.57 1.93 29.09
C MET C 40 -8.91 0.62 28.62
N ARG C 41 -7.77 0.75 27.95
CA ARG C 41 -6.97 -0.42 27.60
C ARG C 41 -5.51 -0.09 27.71
N ASP C 42 -4.79 -0.79 28.61
CA ASP C 42 -3.34 -0.56 28.79
C ASP C 42 -3.03 0.92 29.10
N GLY C 43 -3.86 1.55 29.93
CA GLY C 43 -3.63 2.95 30.34
C GLY C 43 -4.16 4.00 29.35
N LYS C 44 -4.72 3.57 28.22
CA LYS C 44 -5.21 4.50 27.19
C LYS C 44 -6.72 4.43 26.98
N LEU C 45 -7.36 5.58 26.82
CA LEU C 45 -8.78 5.63 26.54
C LEU C 45 -9.00 5.34 25.03
N CYS C 46 -9.76 4.30 24.69
CA CYS C 46 -9.88 3.86 23.30
C CYS C 46 -11.34 3.76 22.93
N LEU C 47 -11.65 4.08 21.66
CA LEU C 47 -12.88 3.72 20.98
C LEU C 47 -12.64 2.37 20.30
N MET C 48 -13.55 1.40 20.51
CA MET C 48 -13.39 0.03 19.88
C MET C 48 -14.67 -0.42 19.27
N TRP C 49 -14.58 -1.33 18.30
CA TRP C 49 -15.77 -1.90 17.68
C TRP C 49 -15.32 -3.28 17.22
N ARG C 50 -16.26 -4.19 17.09
CA ARG C 50 -15.88 -5.57 16.76
C ARG C 50 -16.31 -5.88 15.32
N VAL C 51 -15.52 -6.70 14.64
CA VAL C 51 -15.88 -7.20 13.34
C VAL C 51 -15.68 -8.72 13.24
N GLY C 52 -16.47 -9.42 12.43
CA GLY C 52 -16.31 -10.84 12.29
C GLY C 52 -16.70 -11.34 10.93
N ASN C 53 -16.29 -12.56 10.65
CA ASN C 53 -16.67 -13.26 9.44
C ASN C 53 -17.44 -14.47 9.94
N LEU C 54 -18.75 -14.50 9.65
CA LEU C 54 -19.67 -15.58 10.07
C LEU C 54 -19.30 -16.96 9.44
N GLN C 55 -18.42 -16.96 8.44
CA GLN C 55 -17.97 -18.23 7.88
C GLN C 55 -16.49 -18.34 7.71
N LYS C 56 -16.00 -19.53 7.38
CA LYS C 56 -14.58 -19.75 7.45
C LYS C 56 -13.84 -19.48 6.14
N SER C 57 -14.15 -18.35 5.50
CA SER C 57 -13.52 -17.99 4.23
C SER C 57 -12.25 -17.19 4.44
N HIS C 58 -11.41 -17.07 3.41
CA HIS C 58 -10.19 -16.27 3.49
C HIS C 58 -10.45 -14.84 2.99
N LEU C 59 -10.40 -13.85 3.90
CA LEU C 59 -10.50 -12.45 3.49
C LEU C 59 -9.08 -11.99 3.24
N VAL C 60 -8.69 -11.94 1.99
CA VAL C 60 -7.30 -11.70 1.61
C VAL C 60 -7.05 -10.21 1.61
N GLU C 61 -5.88 -9.83 2.14
CA GLU C 61 -5.48 -8.43 2.20
C GLU C 61 -6.59 -7.55 2.85
N ALA C 62 -7.06 -8.04 4.00
CA ALA C 62 -8.13 -7.38 4.74
C ALA C 62 -7.53 -6.21 5.50
N HIS C 63 -8.26 -5.09 5.53
CA HIS C 63 -7.84 -3.97 6.31
C HIS C 63 -9.09 -3.13 6.67
N VAL C 64 -8.97 -2.34 7.73
CA VAL C 64 -10.08 -1.58 8.30
C VAL C 64 -9.83 -0.08 8.23
N ARG C 65 -10.92 0.71 8.15
CA ARG C 65 -10.83 2.15 8.28
C ARG C 65 -12.05 2.62 9.06
N ALA C 66 -11.97 3.85 9.52
CA ALA C 66 -13.11 4.47 10.18
C ALA C 66 -13.03 5.95 9.89
N GLN C 67 -14.19 6.61 9.72
CA GLN C 67 -14.20 8.05 9.46
C GLN C 67 -15.28 8.69 10.31
N LEU C 68 -14.97 9.85 10.89
CA LEU C 68 -15.98 10.72 11.45
C LEU C 68 -16.64 11.55 10.32
N LEU C 69 -17.96 11.52 10.25
CA LEU C 69 -18.74 12.22 9.26
C LEU C 69 -19.42 13.43 9.88
N LYS C 70 -19.19 14.60 9.30
CA LYS C 70 -19.77 15.85 9.79
C LYS C 70 -19.71 16.93 8.72
N SER C 71 -20.53 17.96 8.90
CA SER C 71 -20.45 19.12 8.04
C SER C 71 -19.45 20.06 8.68
N ARG C 72 -18.92 20.98 7.88
CA ARG C 72 -17.92 21.89 8.41
C ARG C 72 -17.98 23.22 7.66
N ILE C 73 -17.64 24.30 8.35
CA ILE C 73 -17.45 25.63 7.74
C ILE C 73 -15.98 26.00 7.84
N THR C 74 -15.33 26.32 6.71
CA THR C 74 -13.94 26.76 6.76
C THR C 74 -13.86 28.21 7.24
N SER C 75 -12.65 28.62 7.61
CA SER C 75 -12.38 30.02 7.99
C SER C 75 -12.74 31.05 6.92
N GLU C 76 -12.74 30.63 5.64
CA GLU C 76 -13.14 31.50 4.53
C GLU C 76 -14.65 31.55 4.37
N GLY C 77 -15.40 30.82 5.20
CA GLY C 77 -16.85 30.81 5.10
C GLY C 77 -17.38 29.77 4.15
N GLU C 78 -16.53 28.83 3.68
CA GLU C 78 -17.03 27.79 2.81
C GLU C 78 -17.76 26.70 3.59
N TYR C 79 -18.95 26.35 3.14
CA TYR C 79 -19.76 25.30 3.76
C TYR C 79 -19.46 23.96 3.07
N ILE C 80 -19.09 22.97 3.90
CA ILE C 80 -18.75 21.61 3.43
C ILE C 80 -19.78 20.69 3.99
N PRO C 81 -20.67 20.16 3.13
CA PRO C 81 -21.78 19.34 3.60
C PRO C 81 -21.30 18.08 4.27
N LEU C 82 -20.25 17.47 3.73
CA LEU C 82 -19.73 16.23 4.25
C LEU C 82 -18.21 16.22 4.25
N ASP C 83 -17.66 16.41 5.45
CA ASP C 83 -16.26 16.26 5.67
C ASP C 83 -16.06 14.83 6.23
N GLN C 84 -15.21 14.04 5.57
CA GLN C 84 -15.04 12.64 5.94
C GLN C 84 -13.66 12.57 6.54
N ILE C 85 -13.58 12.52 7.87
CA ILE C 85 -12.31 12.63 8.59
C ILE C 85 -11.84 11.24 9.01
N ASP C 86 -10.76 10.73 8.41
CA ASP C 86 -10.25 9.42 8.80
C ASP C 86 -9.73 9.43 10.22
N ILE C 87 -10.02 8.36 10.91
CA ILE C 87 -9.67 8.11 12.27
C ILE C 87 -8.60 7.00 12.28
N ASN C 88 -7.57 7.20 13.08
CA ASN C 88 -6.39 6.34 13.09
C ASN C 88 -6.68 4.94 13.65
N VAL C 89 -6.58 3.92 12.79
CA VAL C 89 -6.63 2.53 13.24
C VAL C 89 -5.35 1.77 12.78
N GLY C 90 -4.28 2.51 12.56
CA GLY C 90 -3.01 1.87 12.34
C GLY C 90 -2.44 1.89 10.94
N PHE C 91 -3.02 2.68 10.04
CA PHE C 91 -2.49 2.74 8.66
C PHE C 91 -0.97 2.92 8.57
N ASP C 92 -0.46 3.88 9.31
CA ASP C 92 0.92 4.24 9.08
C ASP C 92 1.90 3.15 9.52
N SER C 93 1.51 2.27 10.44
CA SER C 93 2.41 1.17 10.84
C SER C 93 2.03 -0.14 10.21
N GLY C 94 0.92 -0.20 9.48
CA GLY C 94 0.50 -1.45 8.86
C GLY C 94 -0.46 -2.31 9.70
N ILE C 95 -0.80 -1.85 10.90
CA ILE C 95 -1.65 -2.67 11.79
C ILE C 95 -3.15 -2.43 11.60
N ASP C 96 -3.53 -1.58 10.61
CA ASP C 96 -4.91 -1.54 10.04
C ASP C 96 -5.16 -2.83 9.20
N ARG C 97 -4.10 -3.58 8.88
CA ARG C 97 -4.22 -4.77 8.08
C ARG C 97 -4.51 -5.89 9.06
N ILE C 98 -5.52 -6.69 8.81
CA ILE C 98 -5.87 -7.71 9.83
C ILE C 98 -5.85 -9.11 9.25
N PHE C 99 -5.71 -10.08 10.14
CA PHE C 99 -5.83 -11.48 9.74
C PHE C 99 -7.05 -12.03 10.48
N LEU C 100 -8.16 -12.15 9.75
CA LEU C 100 -9.48 -12.31 10.32
C LEU C 100 -9.86 -13.78 10.37
N VAL C 101 -9.84 -14.35 11.57
CA VAL C 101 -10.34 -15.70 11.74
C VAL C 101 -11.56 -15.61 12.65
N SER C 102 -11.29 -15.43 13.93
CA SER C 102 -12.33 -15.19 14.90
C SER C 102 -12.48 -13.66 15.12
N PRO C 103 -13.66 -13.20 15.64
CA PRO C 103 -13.98 -11.79 15.66
C PRO C 103 -12.88 -10.97 16.28
N ILE C 104 -12.54 -9.86 15.62
CA ILE C 104 -11.50 -8.98 16.09
C ILE C 104 -12.07 -7.66 16.65
N THR C 105 -11.56 -7.21 17.78
CA THR C 105 -11.91 -5.89 18.30
C THR C 105 -10.93 -4.87 17.74
N ILE C 106 -11.45 -3.97 16.89
CA ILE C 106 -10.66 -2.91 16.27
C ILE C 106 -10.53 -1.76 17.26
N VAL C 107 -9.33 -1.20 17.36
CA VAL C 107 -9.02 -0.24 18.40
C VAL C 107 -8.52 1.11 17.86
N HIS C 108 -9.24 2.19 18.19
CA HIS C 108 -8.75 3.55 17.95
C HIS C 108 -8.31 4.16 19.27
N GLU C 109 -7.01 4.43 19.42
CA GLU C 109 -6.52 5.07 20.65
C GLU C 109 -6.88 6.53 20.63
N ILE C 110 -7.53 7.02 21.69
CA ILE C 110 -7.96 8.42 21.68
C ILE C 110 -6.80 9.24 22.21
N ASP C 111 -5.93 9.66 21.31
CA ASP C 111 -4.79 10.46 21.68
C ASP C 111 -4.92 11.91 21.20
N GLU C 112 -3.87 12.71 21.35
CA GLU C 112 -4.00 14.15 21.00
C GLU C 112 -4.42 14.39 19.55
N ASP C 113 -4.15 13.44 18.64
CA ASP C 113 -4.55 13.58 17.24
C ASP C 113 -5.95 13.06 16.92
N SER C 114 -6.60 12.42 17.90
CA SER C 114 -7.90 11.91 17.67
C SER C 114 -8.95 13.02 17.71
N PRO C 115 -9.94 12.97 16.80
CA PRO C 115 -11.12 13.82 16.81
C PRO C 115 -11.87 13.73 18.13
N LEU C 116 -11.64 12.67 18.89
CA LEU C 116 -12.40 12.49 20.12
C LEU C 116 -11.64 12.92 21.39
N TYR C 117 -10.40 13.36 21.24
CA TYR C 117 -9.53 13.73 22.37
C TYR C 117 -10.22 14.54 23.47
N ASP C 118 -11.09 15.48 23.09
CA ASP C 118 -11.68 16.35 24.08
C ASP C 118 -13.07 15.93 24.56
N LEU C 119 -13.53 14.73 24.19
CA LEU C 119 -14.88 14.33 24.53
C LEU C 119 -14.97 13.42 25.78
N SER C 120 -15.74 13.88 26.76
CA SER C 120 -16.06 13.18 27.99
C SER C 120 -17.32 12.38 27.75
N LYS C 121 -17.73 11.54 28.70
CA LYS C 121 -18.97 10.77 28.57
C LYS C 121 -20.20 11.67 28.37
N GLN C 122 -20.24 12.77 29.12
CA GLN C 122 -21.32 13.77 28.99
C GLN C 122 -21.37 14.36 27.58
N ASP C 123 -20.21 14.73 27.02
CA ASP C 123 -20.09 15.27 25.68
C ASP C 123 -20.68 14.27 24.69
N ILE C 124 -20.18 13.03 24.73
CA ILE C 124 -20.72 11.98 23.85
C ILE C 124 -22.25 11.82 24.02
N ASP C 125 -22.74 11.78 25.25
CA ASP C 125 -24.20 11.71 25.54
C ASP C 125 -24.99 12.79 24.81
N ASN C 126 -24.36 13.94 24.61
CA ASN C 126 -24.99 15.10 23.99
C ASN C 126 -24.75 15.25 22.51
N ALA C 127 -23.95 14.37 21.90
CA ALA C 127 -23.40 14.68 20.58
C ALA C 127 -24.21 14.04 19.48
N ASP C 128 -23.98 14.47 18.24
CA ASP C 128 -24.80 13.97 17.13
C ASP C 128 -23.99 13.39 15.96
N PHE C 129 -22.71 13.15 16.20
CA PHE C 129 -21.80 12.81 15.11
C PHE C 129 -22.02 11.35 14.70
N GLU C 130 -21.41 10.96 13.58
CA GLU C 130 -21.53 9.62 13.05
C GLU C 130 -20.15 9.10 12.65
N ILE C 131 -19.84 7.89 13.11
CA ILE C 131 -18.58 7.22 12.73
C ILE C 131 -18.90 6.07 11.78
N VAL C 132 -18.42 6.11 10.55
CA VAL C 132 -18.61 4.98 9.66
C VAL C 132 -17.38 4.09 9.81
N VAL C 133 -17.57 2.77 9.81
CA VAL C 133 -16.47 1.83 9.95
C VAL C 133 -16.54 0.93 8.74
N ILE C 134 -15.38 0.49 8.26
CA ILE C 134 -15.33 -0.27 7.02
C ILE C 134 -14.32 -1.38 7.16
N LEU C 135 -14.59 -2.50 6.47
CA LEU C 135 -13.65 -3.62 6.38
C LEU C 135 -13.70 -3.98 4.93
N GLU C 136 -12.51 -3.95 4.29
CA GLU C 136 -12.33 -4.26 2.89
C GLU C 136 -11.34 -5.43 2.77
N GLY C 137 -11.51 -6.21 1.71
CA GLY C 137 -10.48 -7.17 1.31
C GLY C 137 -11.15 -7.93 0.19
N MET C 138 -10.56 -9.07 -0.20
CA MET C 138 -11.11 -9.88 -1.27
C MET C 138 -11.27 -11.32 -0.79
N VAL C 139 -12.46 -11.90 -0.96
CA VAL C 139 -12.62 -13.30 -0.51
C VAL C 139 -11.98 -14.27 -1.53
N GLU C 140 -11.08 -15.12 -1.05
CA GLU C 140 -10.27 -15.95 -1.93
C GLU C 140 -11.11 -16.85 -2.87
N ALA C 141 -11.98 -17.67 -2.27
CA ALA C 141 -12.67 -18.76 -3.01
C ALA C 141 -13.71 -18.21 -3.97
N THR C 142 -14.30 -17.05 -3.65
CA THR C 142 -15.41 -16.57 -4.41
C THR C 142 -14.95 -15.43 -5.33
N ALA C 143 -13.69 -14.98 -5.18
CA ALA C 143 -13.14 -13.82 -5.93
C ALA C 143 -14.01 -12.53 -5.85
N MET C 144 -14.44 -12.17 -4.67
CA MET C 144 -15.37 -11.04 -4.49
C MET C 144 -14.70 -10.01 -3.59
N THR C 145 -14.46 -8.82 -4.13
CA THR C 145 -13.94 -7.74 -3.35
C THR C 145 -15.10 -7.27 -2.46
N LYS C 146 -14.81 -7.04 -1.19
CA LYS C 146 -15.83 -6.74 -0.19
C LYS C 146 -15.56 -5.39 0.41
N GLN C 147 -16.62 -4.65 0.69
CA GLN C 147 -16.48 -3.48 1.52
C GLN C 147 -17.66 -3.54 2.51
N CYS C 148 -17.42 -4.11 3.68
CA CYS C 148 -18.46 -4.25 4.66
C CYS C 148 -18.52 -2.89 5.34
N ARG C 149 -19.70 -2.30 5.44
CA ARG C 149 -19.85 -0.94 6.03
C ARG C 149 -20.81 -0.99 7.20
N SER C 150 -20.52 -0.21 8.24
CA SER C 150 -21.51 0.05 9.27
C SER C 150 -21.29 1.46 9.79
N SER C 151 -22.02 1.82 10.83
CA SER C 151 -22.05 3.18 11.29
C SER C 151 -22.39 3.14 12.77
N TYR C 152 -21.74 3.99 13.56
CA TYR C 152 -22.14 4.27 14.92
C TYR C 152 -22.40 5.75 15.06
N LEU C 153 -23.63 6.09 15.40
CA LEU C 153 -23.93 7.42 15.90
C LEU C 153 -23.39 7.57 17.32
N ALA C 154 -23.25 8.81 17.80
CA ALA C 154 -22.68 9.03 19.15
C ALA C 154 -23.47 8.29 20.19
N ASN C 155 -24.79 8.26 20.06
CA ASN C 155 -25.65 7.51 20.97
C ASN C 155 -25.58 5.96 20.88
N GLU C 156 -24.80 5.43 19.92
CA GLU C 156 -24.59 4.00 19.83
C GLU C 156 -23.20 3.56 20.37
N ILE C 157 -22.47 4.51 20.94
CA ILE C 157 -21.18 4.23 21.52
C ILE C 157 -21.43 4.17 23.04
N LEU C 158 -20.97 3.07 23.63
CA LEU C 158 -21.25 2.70 25.02
C LEU C 158 -20.02 3.00 25.83
N TRP C 159 -20.05 4.10 26.54
CA TRP C 159 -18.90 4.57 27.30
C TRP C 159 -18.79 3.62 28.50
N GLY C 160 -17.59 3.13 28.79
CA GLY C 160 -17.42 2.21 29.89
C GLY C 160 -17.81 0.76 29.72
N HIS C 161 -17.97 0.28 28.47
CA HIS C 161 -18.31 -1.10 28.17
C HIS C 161 -17.14 -1.85 27.47
N ARG C 162 -17.13 -3.19 27.59
CA ARG C 162 -16.17 -4.05 26.89
C ARG C 162 -16.98 -5.14 26.26
N TYR C 163 -16.45 -5.78 25.23
CA TYR C 163 -17.16 -6.86 24.57
C TYR C 163 -17.05 -8.14 25.41
N GLU C 164 -18.10 -8.96 25.41
CA GLU C 164 -18.06 -10.32 25.92
C GLU C 164 -17.11 -11.15 24.99
N PRO C 165 -16.22 -11.96 25.58
CA PRO C 165 -15.47 -12.96 24.85
C PRO C 165 -16.35 -13.83 23.99
N VAL C 166 -15.97 -14.01 22.74
CA VAL C 166 -16.61 -15.00 21.88
C VAL C 166 -15.77 -16.23 21.66
N LEU C 167 -14.49 -16.18 21.99
CA LEU C 167 -13.59 -17.29 21.60
C LEU C 167 -13.20 -18.10 22.84
N PHE C 168 -13.48 -19.42 22.79
CA PHE C 168 -13.31 -20.38 23.88
C PHE C 168 -12.51 -21.62 23.46
N GLU C 169 -11.73 -22.11 24.40
CA GLU C 169 -10.90 -23.28 24.16
C GLU C 169 -11.67 -24.56 24.48
N GLU C 170 -11.72 -25.47 23.52
CA GLU C 170 -12.02 -26.87 23.82
C GLU C 170 -10.71 -27.67 23.90
N LYS C 171 -10.80 -28.95 24.24
CA LYS C 171 -9.59 -29.76 24.36
C LYS C 171 -8.82 -29.77 23.04
N HIS C 172 -9.52 -30.05 21.95
CA HIS C 172 -8.83 -30.25 20.66
C HIS C 172 -8.92 -29.08 19.66
N TYR C 173 -9.80 -28.11 19.93
CA TYR C 173 -10.07 -26.99 19.04
C TYR C 173 -10.55 -25.74 19.83
N TYR C 174 -10.95 -24.70 19.09
CA TYR C 174 -11.49 -23.46 19.64
C TYR C 174 -12.89 -23.30 19.11
N LYS C 175 -13.79 -22.74 19.88
CA LYS C 175 -15.12 -22.42 19.30
C LYS C 175 -15.37 -20.94 19.43
N VAL C 176 -16.12 -20.41 18.48
CA VAL C 176 -16.50 -19.01 18.51
C VAL C 176 -17.97 -19.02 18.72
N ASP C 177 -18.40 -18.38 19.79
CA ASP C 177 -19.84 -18.39 20.12
C ASP C 177 -20.42 -17.04 19.69
N TYR C 178 -21.03 -17.03 18.51
CA TYR C 178 -21.56 -15.79 17.93
C TYR C 178 -22.77 -15.28 18.67
N SER C 179 -23.35 -16.07 19.57
CA SER C 179 -24.42 -15.54 20.43
C SER C 179 -23.87 -14.42 21.36
N ARG C 180 -22.55 -14.35 21.56
CA ARG C 180 -21.95 -13.31 22.42
C ARG C 180 -21.39 -12.13 21.60
N PHE C 181 -21.51 -12.20 20.27
CA PHE C 181 -20.84 -11.24 19.37
C PHE C 181 -21.16 -9.76 19.66
N HIS C 182 -22.44 -9.46 19.85
CA HIS C 182 -22.89 -8.11 20.10
C HIS C 182 -22.92 -7.77 21.56
N LYS C 183 -22.63 -8.72 22.42
CA LYS C 183 -22.87 -8.52 23.85
C LYS C 183 -21.73 -7.77 24.51
N THR C 184 -22.09 -6.89 25.43
CA THR C 184 -21.11 -6.08 26.12
C THR C 184 -21.37 -6.14 27.62
N TYR C 185 -20.38 -5.78 28.40
CA TYR C 185 -20.62 -5.56 29.81
C TYR C 185 -20.03 -4.22 30.27
N GLU C 186 -20.63 -3.71 31.34
CA GLU C 186 -20.28 -2.42 31.89
C GLU C 186 -19.11 -2.53 32.87
N VAL C 187 -18.20 -1.56 32.81
CA VAL C 187 -17.06 -1.47 33.66
C VAL C 187 -17.18 -0.13 34.44
N PRO C 188 -17.80 -0.19 35.63
CA PRO C 188 -18.05 1.02 36.44
C PRO C 188 -16.80 1.82 36.77
N ASN C 189 -15.66 1.13 36.78
CA ASN C 189 -14.37 1.71 37.07
C ASN C 189 -13.82 2.66 35.96
N THR C 190 -14.44 2.68 34.78
CA THR C 190 -14.03 3.59 33.68
C THR C 190 -14.11 5.12 34.00
N PRO C 191 -13.04 5.88 33.77
CA PRO C 191 -13.16 7.33 33.93
C PRO C 191 -14.27 7.88 33.05
N LEU C 192 -14.94 8.94 33.54
CA LEU C 192 -15.99 9.65 32.78
C LEU C 192 -15.49 10.92 32.05
N CYS C 193 -14.27 11.33 32.32
CA CYS C 193 -13.75 12.54 31.70
C CYS C 193 -13.10 12.23 30.36
N SER C 194 -12.58 13.26 29.68
CA SER C 194 -11.98 13.12 28.35
C SER C 194 -10.58 12.52 28.39
N ALA C 195 -10.13 12.02 27.23
CA ALA C 195 -8.74 11.62 27.06
C ALA C 195 -7.77 12.78 27.42
N ARG C 196 -8.11 14.00 27.04
CA ARG C 196 -7.30 15.16 27.34
C ARG C 196 -7.14 15.36 28.85
N ASP C 197 -8.23 15.25 29.61
CA ASP C 197 -8.25 15.37 31.06
C ASP C 197 -7.40 14.28 31.67
N LEU C 198 -7.62 13.05 31.17
CA LEU C 198 -6.82 11.89 31.56
C LEU C 198 -5.31 12.14 31.40
N ALA C 199 -4.89 12.69 30.25
CA ALA C 199 -3.48 12.97 30.05
C ALA C 199 -3.00 14.06 31.04
N GLU C 200 -3.84 15.06 31.33
CA GLU C 200 -3.44 16.09 32.29
C GLU C 200 -3.28 15.53 33.70
N LYS C 201 -4.28 14.78 34.17
CA LYS C 201 -4.23 14.14 35.48
C LYS C 201 -3.02 13.21 35.64
N LYS C 202 -2.60 12.57 34.55
CA LYS C 202 -1.41 11.70 34.48
C LYS C 202 -0.08 12.46 34.67
N TYR C 203 0.05 13.59 34.01
CA TYR C 203 1.24 14.43 34.12
C TYR C 203 1.41 14.96 35.54
N ILE C 204 0.31 15.48 36.10
CA ILE C 204 0.27 16.01 37.46
C ILE C 204 0.74 14.98 38.52
N LEU C 205 0.48 13.71 38.27
CA LEU C 205 0.91 12.65 39.19
C LEU C 205 2.32 12.14 38.88
N SER C 206 2.74 12.27 37.62
CA SER C 206 4.10 11.97 37.18
C SER C 206 5.12 12.98 37.74
N ASN C 207 4.64 13.91 38.56
CA ASN C 207 5.46 14.92 39.23
C ASN C 207 5.03 15.14 40.67
N SER D 2 -21.39 19.47 12.87
CA SER D 2 -22.79 19.03 13.08
C SER D 2 -23.24 18.00 12.00
N HIS D 3 -24.38 17.36 12.25
CA HIS D 3 -24.82 16.23 11.44
C HIS D 3 -26.27 16.46 11.11
N GLY D 4 -26.70 16.02 9.91
CA GLY D 4 -28.10 16.04 9.50
C GLY D 4 -28.95 15.14 10.40
N ARG D 5 -30.27 15.15 10.21
CA ARG D 5 -31.13 14.37 11.10
C ARG D 5 -30.94 12.86 10.88
N SER D 6 -30.86 12.45 9.62
CA SER D 6 -30.81 11.06 9.21
C SER D 6 -29.33 10.53 9.24
N ARG D 7 -29.12 9.23 9.43
CA ARG D 7 -27.77 8.67 9.34
C ARG D 7 -27.38 8.57 7.88
N PHE D 8 -26.08 8.71 7.62
CA PHE D 8 -25.55 8.66 6.26
C PHE D 8 -25.43 7.19 5.83
N VAL D 9 -25.03 6.33 6.77
CA VAL D 9 -24.83 4.92 6.49
C VAL D 9 -25.69 4.16 7.49
N LYS D 10 -26.55 3.28 7.01
CA LYS D 10 -27.43 2.51 7.88
C LYS D 10 -26.60 1.38 8.57
N LYS D 11 -27.13 0.80 9.65
CA LYS D 11 -26.42 -0.28 10.36
C LYS D 11 -26.06 -1.45 9.46
N ASP D 12 -26.91 -1.74 8.49
CA ASP D 12 -26.68 -2.82 7.54
C ASP D 12 -25.73 -2.40 6.39
N GLY D 13 -25.13 -1.20 6.47
CA GLY D 13 -24.16 -0.74 5.43
C GLY D 13 -24.73 -0.05 4.20
N HIS D 14 -26.05 -0.03 4.07
CA HIS D 14 -26.68 0.67 2.94
C HIS D 14 -26.44 2.16 3.15
N CYS D 15 -26.06 2.87 2.11
CA CYS D 15 -25.82 4.31 2.24
C CYS D 15 -27.15 5.04 2.06
N ASN D 16 -27.49 5.91 2.99
CA ASN D 16 -28.83 6.56 2.99
C ASN D 16 -28.93 7.76 2.00
N VAL D 17 -28.69 7.51 0.71
CA VAL D 17 -28.46 8.56 -0.27
C VAL D 17 -29.24 8.24 -1.55
N GLN D 18 -29.92 9.24 -2.09
CA GLN D 18 -30.66 9.14 -3.36
C GLN D 18 -30.04 10.09 -4.37
N PHE D 19 -29.76 9.61 -5.58
CA PHE D 19 -29.20 10.41 -6.65
C PHE D 19 -30.30 10.99 -7.54
N ILE D 20 -30.24 12.28 -7.88
CA ILE D 20 -31.26 12.86 -8.77
C ILE D 20 -30.57 13.62 -9.88
N ASN D 21 -31.30 13.87 -10.95
CA ASN D 21 -30.78 14.64 -12.09
C ASN D 21 -29.47 14.01 -12.66
N VAL D 22 -29.38 12.68 -12.67
CA VAL D 22 -28.21 12.04 -13.28
C VAL D 22 -28.31 11.89 -14.81
N GLY D 23 -29.51 12.02 -15.36
CA GLY D 23 -29.67 12.02 -16.82
C GLY D 23 -29.66 10.64 -17.44
N GLU D 24 -29.18 10.54 -18.68
CA GLU D 24 -29.25 9.29 -19.44
C GLU D 24 -28.27 8.21 -18.92
N LYS D 25 -28.62 6.95 -19.21
CA LYS D 25 -27.76 5.74 -19.16
C LYS D 25 -26.25 6.00 -19.33
N ARG D 26 -25.89 6.62 -20.45
CA ARG D 26 -24.51 7.00 -20.75
C ARG D 26 -23.76 7.64 -19.57
N ASN D 27 -24.50 8.32 -18.70
CA ASN D 27 -23.92 9.12 -17.63
C ASN D 27 -23.73 8.33 -16.31
N GLU D 28 -24.12 7.05 -16.31
CA GLU D 28 -23.98 6.24 -15.09
C GLU D 28 -22.60 5.53 -14.99
N THR D 29 -21.57 6.34 -14.74
CA THR D 29 -20.17 5.90 -14.63
C THR D 29 -19.47 6.75 -13.56
N LEU D 30 -18.17 6.53 -13.42
CA LEU D 30 -17.29 7.42 -12.66
C LEU D 30 -17.06 8.69 -13.48
N VAL D 31 -17.00 9.84 -12.83
CA VAL D 31 -16.97 11.12 -13.55
C VAL D 31 -16.17 12.12 -12.73
N PHE D 32 -15.44 12.99 -13.43
CA PHE D 32 -14.70 14.10 -12.85
C PHE D 32 -15.39 15.37 -13.24
N SER D 33 -15.33 16.42 -12.43
CA SER D 33 -15.90 17.69 -12.82
C SER D 33 -15.19 18.25 -14.07
N HIS D 34 -15.93 18.94 -14.90
CA HIS D 34 -15.33 19.56 -16.10
C HIS D 34 -14.15 20.48 -15.79
N ASN D 35 -14.24 21.25 -14.71
CA ASN D 35 -13.17 22.14 -14.28
C ASN D 35 -12.59 21.74 -12.97
N ALA D 36 -11.33 22.18 -12.74
CA ALA D 36 -10.72 22.19 -11.44
C ALA D 36 -10.78 23.63 -10.93
N VAL D 37 -10.51 23.83 -9.65
CA VAL D 37 -10.53 25.19 -9.08
C VAL D 37 -9.31 25.43 -8.23
N ILE D 38 -8.99 26.69 -8.00
CA ILE D 38 -7.97 27.07 -7.06
C ILE D 38 -8.63 28.05 -6.09
N ALA D 39 -8.56 27.72 -4.80
CA ALA D 39 -9.14 28.58 -3.78
C ALA D 39 -8.48 28.34 -2.44
N MET D 40 -8.67 29.30 -1.53
CA MET D 40 -8.21 29.14 -0.15
C MET D 40 -9.11 28.23 0.63
N ARG D 41 -8.50 27.36 1.40
CA ARG D 41 -9.29 26.57 2.33
C ARG D 41 -8.46 26.43 3.58
N ASP D 42 -9.02 26.92 4.70
CA ASP D 42 -8.33 26.93 6.00
C ASP D 42 -6.92 27.55 5.95
N GLY D 43 -6.84 28.71 5.31
CA GLY D 43 -5.62 29.48 5.21
C GLY D 43 -4.59 28.84 4.30
N LYS D 44 -4.99 27.90 3.44
CA LYS D 44 -4.05 27.37 2.45
C LYS D 44 -4.62 27.44 1.05
N LEU D 45 -3.81 27.85 0.11
CA LEU D 45 -4.24 27.86 -1.28
C LEU D 45 -4.22 26.43 -1.86
N CYS D 46 -5.31 25.98 -2.46
CA CYS D 46 -5.47 24.59 -2.86
C CYS D 46 -5.96 24.49 -4.30
N LEU D 47 -5.47 23.49 -5.01
CA LEU D 47 -6.04 23.01 -6.28
C LEU D 47 -7.07 21.93 -5.95
N MET D 48 -8.29 22.07 -6.43
CA MET D 48 -9.31 21.05 -6.09
C MET D 48 -10.01 20.64 -7.33
N TRP D 49 -10.53 19.43 -7.33
CA TRP D 49 -11.38 18.92 -8.39
C TRP D 49 -12.33 17.88 -7.76
N ARG D 50 -13.45 17.58 -8.43
CA ARG D 50 -14.51 16.78 -7.83
C ARG D 50 -14.57 15.50 -8.62
N VAL D 51 -14.80 14.41 -7.91
CA VAL D 51 -15.03 13.13 -8.52
C VAL D 51 -16.32 12.54 -7.98
N GLY D 52 -17.01 11.78 -8.81
CA GLY D 52 -18.20 11.09 -8.40
C GLY D 52 -18.41 9.71 -9.01
N ASN D 53 -19.31 8.95 -8.39
CA ASN D 53 -19.76 7.68 -8.94
C ASN D 53 -21.25 7.82 -9.17
N LEU D 54 -21.69 7.76 -10.43
CA LEU D 54 -23.13 7.77 -10.74
C LEU D 54 -23.71 6.38 -11.03
N GLN D 55 -22.90 5.33 -10.99
CA GLN D 55 -23.41 3.96 -11.17
C GLN D 55 -24.14 3.46 -9.94
N LYS D 56 -24.68 2.26 -10.10
CA LYS D 56 -25.46 1.56 -9.06
C LYS D 56 -24.53 0.74 -8.18
N SER D 57 -23.31 0.50 -8.68
CA SER D 57 -22.31 -0.33 -7.99
C SER D 57 -21.27 0.57 -7.27
N HIS D 58 -20.96 0.25 -5.99
CA HIS D 58 -19.93 0.91 -5.18
C HIS D 58 -18.50 0.65 -5.76
N LEU D 59 -17.64 1.67 -5.69
CA LEU D 59 -16.21 1.49 -6.00
C LEU D 59 -15.42 1.24 -4.72
N VAL D 60 -14.90 0.03 -4.60
CA VAL D 60 -14.20 -0.48 -3.40
C VAL D 60 -12.71 -0.15 -3.44
N GLU D 61 -12.11 0.04 -2.27
CA GLU D 61 -10.66 0.29 -2.15
C GLU D 61 -10.19 1.40 -3.10
N ALA D 62 -10.91 2.52 -3.07
CA ALA D 62 -10.72 3.60 -4.05
C ALA D 62 -9.66 4.54 -3.59
N HIS D 63 -8.91 5.10 -4.56
CA HIS D 63 -7.91 6.05 -4.21
C HIS D 63 -7.63 6.88 -5.46
N VAL D 64 -7.03 8.04 -5.25
CA VAL D 64 -6.91 9.04 -6.33
C VAL D 64 -5.45 9.38 -6.53
N ARG D 65 -5.11 9.82 -7.74
CA ARG D 65 -3.79 10.35 -8.00
C ARG D 65 -3.92 11.50 -8.93
N ALA D 66 -2.85 12.28 -9.04
CA ALA D 66 -2.79 13.31 -10.08
C ALA D 66 -1.36 13.54 -10.46
N GLN D 67 -1.15 14.02 -11.69
CA GLN D 67 0.19 14.25 -12.21
C GLN D 67 0.14 15.50 -13.08
N LEU D 68 1.14 16.37 -12.99
CA LEU D 68 1.33 17.43 -13.97
C LEU D 68 2.19 16.95 -15.14
N LEU D 69 1.69 17.14 -16.37
CA LEU D 69 2.39 16.68 -17.56
C LEU D 69 3.03 17.90 -18.24
N LYS D 70 4.33 17.80 -18.52
CA LYS D 70 5.00 18.78 -19.34
C LYS D 70 6.27 18.16 -19.89
N SER D 71 6.80 18.80 -20.92
CA SER D 71 8.19 18.57 -21.32
C SER D 71 9.20 19.27 -20.43
N ARG D 72 10.44 18.81 -20.47
CA ARG D 72 11.47 19.28 -19.57
C ARG D 72 12.83 19.06 -20.23
N ILE D 73 13.75 20.02 -20.04
CA ILE D 73 15.14 19.84 -20.40
C ILE D 73 15.95 19.72 -19.14
N THR D 74 16.73 18.67 -19.02
CA THR D 74 17.58 18.48 -17.84
C THR D 74 18.79 19.41 -17.93
N SER D 75 19.48 19.63 -16.82
CA SER D 75 20.69 20.44 -16.83
C SER D 75 21.82 19.90 -17.74
N GLU D 76 21.77 18.60 -18.04
CA GLU D 76 22.72 17.97 -18.98
C GLU D 76 22.33 18.18 -20.43
N GLY D 77 21.19 18.82 -20.70
CA GLY D 77 20.74 19.03 -22.07
C GLY D 77 19.84 17.96 -22.61
N GLU D 78 19.41 17.04 -21.75
CA GLU D 78 18.51 15.99 -22.18
C GLU D 78 17.05 16.47 -22.29
N TYR D 79 16.44 16.26 -23.45
CA TYR D 79 15.05 16.57 -23.70
C TYR D 79 14.17 15.35 -23.28
N ILE D 80 13.23 15.62 -22.36
CA ILE D 80 12.26 14.65 -21.86
C ILE D 80 10.91 15.10 -22.40
N PRO D 81 10.36 14.36 -23.36
CA PRO D 81 9.11 14.69 -24.00
C PRO D 81 7.99 14.77 -23.00
N LEU D 82 7.96 13.81 -22.07
CA LEU D 82 6.88 13.78 -21.12
C LEU D 82 7.40 13.49 -19.72
N ASP D 83 7.36 14.51 -18.89
CA ASP D 83 7.67 14.40 -17.48
C ASP D 83 6.29 14.35 -16.80
N GLN D 84 6.09 13.34 -15.94
CA GLN D 84 4.81 13.10 -15.29
C GLN D 84 5.14 13.29 -13.84
N ILE D 85 4.85 14.50 -13.35
CA ILE D 85 5.23 14.91 -12.02
C ILE D 85 4.06 14.70 -11.08
N ASP D 86 4.27 13.86 -10.08
CA ASP D 86 3.20 13.52 -9.15
C ASP D 86 2.74 14.71 -8.30
N ILE D 87 1.43 14.86 -8.14
CA ILE D 87 0.80 15.96 -7.39
C ILE D 87 0.19 15.35 -6.11
N ASN D 88 0.62 15.84 -4.97
CA ASN D 88 0.36 15.18 -3.71
C ASN D 88 -1.11 15.40 -3.32
N VAL D 89 -1.85 14.28 -3.26
CA VAL D 89 -3.23 14.29 -2.74
C VAL D 89 -3.37 13.36 -1.52
N GLY D 90 -2.30 13.15 -0.77
CA GLY D 90 -2.43 12.45 0.55
C GLY D 90 -1.84 11.05 0.63
N PHE D 91 -1.15 10.60 -0.42
CA PHE D 91 -0.48 9.26 -0.39
C PHE D 91 0.19 8.88 0.91
N ASP D 92 1.00 9.80 1.41
CA ASP D 92 1.91 9.49 2.50
C ASP D 92 1.23 9.29 3.85
N SER D 93 0.02 9.83 4.00
CA SER D 93 -0.70 9.66 5.23
C SER D 93 -1.88 8.75 4.99
N GLY D 94 -2.10 8.33 3.73
CA GLY D 94 -3.20 7.46 3.35
C GLY D 94 -4.53 8.15 3.04
N ILE D 95 -4.52 9.47 2.92
CA ILE D 95 -5.79 10.16 2.69
C ILE D 95 -6.15 10.27 1.18
N ASP D 96 -5.28 9.72 0.33
CA ASP D 96 -5.56 9.49 -1.10
C ASP D 96 -6.59 8.39 -1.26
N ARG D 97 -6.77 7.62 -0.18
CA ARG D 97 -7.80 6.57 -0.11
C ARG D 97 -9.12 7.20 0.25
N ILE D 98 -10.13 6.94 -0.53
CA ILE D 98 -11.40 7.63 -0.29
C ILE D 98 -12.54 6.63 -0.08
N PHE D 99 -13.54 7.02 0.68
CA PHE D 99 -14.74 6.24 0.80
C PHE D 99 -15.79 7.00 0.03
N LEU D 100 -16.03 6.53 -1.21
CA LEU D 100 -16.74 7.33 -2.19
C LEU D 100 -18.20 6.94 -2.19
N VAL D 101 -19.03 7.82 -1.61
CA VAL D 101 -20.46 7.62 -1.68
C VAL D 101 -21.06 8.72 -2.58
N SER D 102 -21.22 9.90 -2.02
CA SER D 102 -21.56 11.10 -2.73
C SER D 102 -20.25 11.82 -3.23
N PRO D 103 -20.37 12.69 -4.25
CA PRO D 103 -19.17 13.25 -4.89
C PRO D 103 -18.22 13.94 -3.90
N ILE D 104 -16.93 13.72 -4.09
CA ILE D 104 -15.86 14.15 -3.19
C ILE D 104 -15.02 15.21 -3.90
N THR D 105 -14.62 16.25 -3.17
CA THR D 105 -13.71 17.26 -3.71
C THR D 105 -12.33 16.89 -3.23
N ILE D 106 -11.46 16.51 -4.18
CA ILE D 106 -10.08 16.13 -3.89
C ILE D 106 -9.25 17.40 -3.71
N VAL D 107 -8.33 17.41 -2.75
CA VAL D 107 -7.64 18.65 -2.42
C VAL D 107 -6.11 18.41 -2.51
N HIS D 108 -5.48 19.14 -3.41
CA HIS D 108 -4.01 19.34 -3.41
C HIS D 108 -3.65 20.68 -2.72
N GLU D 109 -3.05 20.61 -1.53
CA GLU D 109 -2.48 21.81 -0.93
C GLU D 109 -1.26 22.28 -1.69
N ILE D 110 -1.28 23.53 -2.13
CA ILE D 110 -0.14 24.05 -2.86
C ILE D 110 0.88 24.51 -1.81
N ASP D 111 1.71 23.58 -1.38
CA ASP D 111 2.71 23.90 -0.41
C ASP D 111 4.07 24.02 -1.13
N GLU D 112 5.16 24.10 -0.36
CA GLU D 112 6.53 24.23 -0.87
C GLU D 112 6.98 23.13 -1.83
N ASP D 113 6.39 21.94 -1.71
CA ASP D 113 6.76 20.79 -2.55
C ASP D 113 5.87 20.63 -3.80
N SER D 114 4.84 21.48 -3.92
CA SER D 114 3.90 21.45 -5.04
C SER D 114 4.54 22.06 -6.29
N PRO D 115 4.34 21.43 -7.48
CA PRO D 115 4.75 22.01 -8.78
C PRO D 115 4.12 23.39 -9.05
N LEU D 116 3.07 23.71 -8.30
CA LEU D 116 2.35 24.96 -8.52
C LEU D 116 2.68 26.07 -7.49
N TYR D 117 3.65 25.80 -6.62
CA TYR D 117 3.99 26.72 -5.52
C TYR D 117 4.28 28.17 -5.95
N ASP D 118 5.02 28.34 -7.04
CA ASP D 118 5.41 29.65 -7.56
C ASP D 118 4.43 30.29 -8.54
N LEU D 119 3.27 29.70 -8.79
CA LEU D 119 2.34 30.21 -9.82
C LEU D 119 1.17 31.07 -9.29
N SER D 120 1.07 32.31 -9.80
CA SER D 120 -0.05 33.23 -9.54
C SER D 120 -1.18 33.01 -10.53
N LYS D 121 -2.32 33.68 -10.33
CA LYS D 121 -3.41 33.62 -11.31
C LYS D 121 -2.94 33.98 -12.73
N GLN D 122 -2.08 34.99 -12.83
CA GLN D 122 -1.53 35.41 -14.13
C GLN D 122 -0.65 34.32 -14.74
N ASP D 123 0.11 33.60 -13.92
CA ASP D 123 0.95 32.49 -14.39
C ASP D 123 0.11 31.35 -14.97
N ILE D 124 -1.01 31.01 -14.30
CA ILE D 124 -1.92 29.99 -14.83
C ILE D 124 -2.56 30.45 -16.13
N ASP D 125 -2.90 31.74 -16.21
CA ASP D 125 -3.49 32.33 -17.42
C ASP D 125 -2.61 32.16 -18.65
N ASN D 126 -1.30 32.16 -18.43
CA ASN D 126 -0.34 32.12 -19.53
C ASN D 126 0.17 30.74 -19.82
N ALA D 127 -0.11 29.79 -18.90
CA ALA D 127 0.49 28.46 -18.89
C ALA D 127 -0.23 27.50 -19.83
N ASP D 128 0.48 26.44 -20.21
CA ASP D 128 -0.15 25.45 -21.11
C ASP D 128 -0.09 24.00 -20.59
N PHE D 129 0.31 23.81 -19.32
CA PHE D 129 0.45 22.46 -18.78
C PHE D 129 -0.90 21.75 -18.72
N GLU D 130 -0.85 20.44 -18.45
CA GLU D 130 -2.02 19.62 -18.31
C GLU D 130 -1.86 18.83 -17.00
N ILE D 131 -2.93 18.76 -16.23
CA ILE D 131 -2.88 17.98 -15.01
C ILE D 131 -3.81 16.80 -15.21
N VAL D 132 -3.25 15.60 -15.25
CA VAL D 132 -4.09 14.40 -15.41
C VAL D 132 -4.62 13.90 -14.07
N VAL D 133 -5.88 13.52 -14.00
CA VAL D 133 -6.44 13.08 -12.72
C VAL D 133 -6.95 11.66 -12.84
N ILE D 134 -6.78 10.86 -11.79
CA ILE D 134 -7.10 9.45 -11.91
C ILE D 134 -7.82 9.01 -10.65
N LEU D 135 -8.78 8.09 -10.84
CA LEU D 135 -9.51 7.43 -9.75
C LEU D 135 -9.51 5.95 -10.07
N GLU D 136 -9.08 5.13 -9.12
CA GLU D 136 -8.97 3.69 -9.32
C GLU D 136 -9.63 3.00 -8.13
N GLY D 137 -10.08 1.77 -8.37
CA GLY D 137 -10.73 0.94 -7.32
C GLY D 137 -11.25 -0.34 -7.94
N MET D 138 -11.89 -1.16 -7.11
CA MET D 138 -12.43 -2.47 -7.49
C MET D 138 -13.93 -2.38 -7.47
N VAL D 139 -14.56 -3.12 -8.37
CA VAL D 139 -16.02 -3.17 -8.42
C VAL D 139 -16.51 -4.12 -7.30
N GLU D 140 -17.32 -3.59 -6.39
CA GLU D 140 -17.75 -4.34 -5.23
C GLU D 140 -18.37 -5.66 -5.62
N ALA D 141 -18.02 -6.72 -4.87
CA ALA D 141 -18.59 -8.06 -5.06
C ALA D 141 -18.13 -8.72 -6.35
N THR D 142 -17.07 -8.17 -6.94
CA THR D 142 -16.44 -8.82 -8.10
C THR D 142 -14.94 -8.77 -7.96
N ALA D 143 -14.22 -9.25 -8.97
CA ALA D 143 -12.74 -9.18 -9.01
C ALA D 143 -12.32 -8.14 -10.02
N MET D 144 -13.27 -7.33 -10.50
CA MET D 144 -13.00 -6.38 -11.56
C MET D 144 -12.53 -5.03 -11.00
N THR D 145 -11.78 -4.34 -11.83
CA THR D 145 -11.22 -3.05 -11.49
C THR D 145 -11.79 -1.96 -12.37
N LYS D 146 -11.59 -0.70 -11.94
CA LYS D 146 -11.90 0.50 -12.73
C LYS D 146 -10.76 1.49 -12.60
N GLN D 147 -10.45 2.16 -13.69
CA GLN D 147 -9.59 3.35 -13.67
C GLN D 147 -10.30 4.46 -14.42
N CYS D 148 -10.64 5.57 -13.75
CA CYS D 148 -11.27 6.72 -14.41
C CYS D 148 -10.19 7.76 -14.61
N ARG D 149 -10.06 8.29 -15.81
CA ARG D 149 -9.02 9.28 -16.14
C ARG D 149 -9.69 10.54 -16.68
N SER D 150 -9.19 11.69 -16.25
CA SER D 150 -9.54 12.92 -16.93
C SER D 150 -8.34 13.82 -16.94
N SER D 151 -8.52 15.02 -17.46
CA SER D 151 -7.48 16.00 -17.30
C SER D 151 -7.98 17.42 -17.31
N TYR D 152 -7.16 18.30 -16.74
CA TYR D 152 -7.42 19.73 -16.72
C TYR D 152 -6.20 20.43 -17.36
N LEU D 153 -6.45 21.11 -18.46
CA LEU D 153 -5.48 22.08 -19.00
C LEU D 153 -5.42 23.26 -18.05
N ALA D 154 -4.28 23.95 -18.03
CA ALA D 154 -4.16 25.18 -17.22
C ALA D 154 -5.37 26.13 -17.40
N ASN D 155 -5.91 26.19 -18.63
CA ASN D 155 -7.03 27.09 -18.91
C ASN D 155 -8.36 26.55 -18.45
N GLU D 156 -8.37 25.33 -17.90
CA GLU D 156 -9.61 24.75 -17.36
C GLU D 156 -9.62 24.80 -15.85
N ILE D 157 -8.61 25.44 -15.26
CA ILE D 157 -8.54 25.63 -13.83
C ILE D 157 -9.07 27.02 -13.51
N LEU D 158 -10.09 27.08 -12.65
CA LEU D 158 -10.74 28.32 -12.34
C LEU D 158 -10.23 28.88 -11.05
N TRP D 159 -9.40 29.90 -11.18
CA TRP D 159 -8.82 30.60 -10.03
C TRP D 159 -9.93 31.35 -9.29
N GLY D 160 -10.00 31.16 -7.98
CA GLY D 160 -10.96 31.84 -7.11
C GLY D 160 -12.38 31.33 -7.25
N HIS D 161 -12.56 30.02 -7.46
CA HIS D 161 -13.87 29.43 -7.51
C HIS D 161 -13.97 28.26 -6.50
N ARG D 162 -15.21 27.96 -6.09
CA ARG D 162 -15.49 26.78 -5.25
C ARG D 162 -16.64 26.03 -5.89
N TYR D 163 -16.82 24.75 -5.56
CA TYR D 163 -17.90 23.96 -6.18
C TYR D 163 -19.23 24.28 -5.51
N GLU D 164 -20.31 24.31 -6.28
CA GLU D 164 -21.67 24.23 -5.69
C GLU D 164 -21.88 22.92 -4.91
N PRO D 165 -22.45 23.01 -3.68
CA PRO D 165 -22.86 21.74 -3.03
C PRO D 165 -23.78 20.87 -3.89
N VAL D 166 -23.58 19.55 -3.81
CA VAL D 166 -24.51 18.60 -4.40
C VAL D 166 -25.27 17.79 -3.34
N LEU D 167 -24.83 17.83 -2.10
CA LEU D 167 -25.38 16.93 -1.07
C LEU D 167 -26.30 17.75 -0.19
N PHE D 168 -27.56 17.33 -0.12
CA PHE D 168 -28.62 18.01 0.63
C PHE D 168 -29.37 17.05 1.53
N GLU D 169 -29.72 17.57 2.68
CA GLU D 169 -30.47 16.85 3.69
C GLU D 169 -31.98 16.88 3.42
N GLU D 170 -32.58 15.69 3.24
CA GLU D 170 -34.05 15.46 3.37
C GLU D 170 -34.34 14.89 4.78
N LYS D 171 -35.60 14.76 5.19
CA LYS D 171 -35.86 14.27 6.56
C LYS D 171 -35.36 12.85 6.87
N HIS D 172 -35.59 11.91 5.95
CA HIS D 172 -35.21 10.51 6.17
C HIS D 172 -34.00 10.06 5.34
N TYR D 173 -33.47 10.94 4.50
CA TYR D 173 -32.33 10.56 3.65
C TYR D 173 -31.61 11.79 3.10
N TYR D 174 -30.58 11.54 2.31
CA TYR D 174 -29.79 12.60 1.72
C TYR D 174 -29.96 12.50 0.23
N LYS D 175 -30.00 13.64 -0.45
CA LYS D 175 -30.04 13.55 -1.91
C LYS D 175 -28.83 14.15 -2.54
N VAL D 176 -28.38 13.54 -3.62
CA VAL D 176 -27.29 14.09 -4.38
C VAL D 176 -27.86 14.66 -5.66
N ASP D 177 -27.83 15.98 -5.79
CA ASP D 177 -28.31 16.62 -7.03
C ASP D 177 -27.19 16.80 -8.03
N TYR D 178 -27.14 15.89 -9.01
CA TYR D 178 -26.07 15.90 -10.02
C TYR D 178 -26.08 17.06 -10.99
N SER D 179 -27.19 17.81 -11.02
CA SER D 179 -27.24 19.04 -11.83
C SER D 179 -26.26 20.11 -11.31
N ARG D 180 -25.80 20.01 -10.06
CA ARG D 180 -24.84 20.97 -9.46
C ARG D 180 -23.39 20.49 -9.54
N PHE D 181 -23.19 19.29 -10.04
CA PHE D 181 -21.88 18.62 -10.00
C PHE D 181 -20.76 19.47 -10.60
N HIS D 182 -20.95 19.94 -11.80
CA HIS D 182 -19.96 20.72 -12.53
C HIS D 182 -20.05 22.20 -12.23
N LYS D 183 -20.99 22.59 -11.37
CA LYS D 183 -21.18 24.01 -11.12
C LYS D 183 -20.28 24.61 -10.06
N THR D 184 -19.90 25.87 -10.29
CA THR D 184 -19.08 26.59 -9.34
C THR D 184 -19.63 27.98 -9.00
N TYR D 185 -19.14 28.56 -7.92
CA TYR D 185 -19.36 29.99 -7.70
C TYR D 185 -18.04 30.74 -7.53
N GLU D 186 -18.08 32.06 -7.64
CA GLU D 186 -16.86 32.86 -7.50
C GLU D 186 -16.59 33.36 -6.08
N VAL D 187 -15.32 33.37 -5.70
CA VAL D 187 -14.84 33.96 -4.46
C VAL D 187 -13.88 35.10 -4.83
N PRO D 188 -14.41 36.33 -5.01
CA PRO D 188 -13.66 37.52 -5.53
C PRO D 188 -12.56 37.94 -4.57
N ASN D 189 -12.74 37.52 -3.32
CA ASN D 189 -11.84 37.63 -2.17
C ASN D 189 -10.52 36.85 -2.30
N THR D 190 -10.47 35.88 -3.22
CA THR D 190 -9.30 34.99 -3.34
C THR D 190 -8.06 35.79 -3.74
N PRO D 191 -6.92 35.56 -3.06
CA PRO D 191 -5.68 36.23 -3.46
C PRO D 191 -5.28 35.77 -4.86
N LEU D 192 -4.60 36.65 -5.57
CA LEU D 192 -4.23 36.44 -6.96
C LEU D 192 -2.77 36.05 -7.10
N CYS D 193 -2.02 36.13 -6.02
CA CYS D 193 -0.59 35.79 -6.03
C CYS D 193 -0.35 34.29 -5.82
N SER D 194 0.90 33.84 -5.94
CA SER D 194 1.24 32.44 -5.76
C SER D 194 1.16 32.06 -4.27
N ALA D 195 1.10 30.75 -4.01
CA ALA D 195 1.26 30.23 -2.67
C ALA D 195 2.61 30.65 -2.03
N ARG D 196 3.68 30.72 -2.82
CA ARG D 196 5.00 31.20 -2.31
C ARG D 196 4.93 32.64 -1.79
N ASP D 197 4.34 33.52 -2.57
CA ASP D 197 4.13 34.90 -2.17
C ASP D 197 3.27 35.02 -0.91
N LEU D 198 2.19 34.24 -0.82
CA LEU D 198 1.35 34.21 0.38
C LEU D 198 2.12 33.74 1.58
N ALA D 199 3.06 32.83 1.36
CA ALA D 199 3.92 32.32 2.43
C ALA D 199 4.85 33.43 2.94
N GLU D 200 5.23 34.36 2.04
CA GLU D 200 6.04 35.54 2.37
C GLU D 200 5.25 36.61 3.11
N LYS D 201 4.13 37.02 2.54
CA LYS D 201 3.19 37.91 3.21
C LYS D 201 2.84 37.42 4.63
N LYS D 202 3.25 36.20 4.97
CA LYS D 202 2.98 35.64 6.29
C LYS D 202 4.22 35.72 7.20
N TYR D 203 5.36 36.13 6.63
CA TYR D 203 6.51 36.58 7.43
C TYR D 203 6.39 38.09 7.69
N ILE D 204 6.09 38.84 6.63
CA ILE D 204 5.87 40.29 6.73
C ILE D 204 4.78 40.63 7.77
N LEU D 205 4.02 39.60 8.19
CA LEU D 205 3.13 39.69 9.33
C LEU D 205 3.90 39.35 10.62
N SER D 206 4.71 38.29 10.58
CA SER D 206 5.47 37.86 11.75
C SER D 206 6.90 37.47 11.36
#